data_7UFW
#
_entry.id   7UFW
#
_cell.length_a   44.440
_cell.length_b   151.370
_cell.length_c   99.040
_cell.angle_alpha   90.000
_cell.angle_beta   92.149
_cell.angle_gamma   90.000
#
_symmetry.space_group_name_H-M   'P 1 21 1'
#
loop_
_entity.id
_entity.type
_entity.pdbx_description
1 polymer LMIV230-01
2 polymer 'Gametocyte surface protein P230'
3 water water
#
loop_
_entity_poly.entity_id
_entity_poly.type
_entity_poly.pdbx_seq_one_letter_code
_entity_poly.pdbx_strand_id
1 'polypeptide(L)'
;TGQVQLVQSGAEVKKPGSSVKVSCKVSGGTFNTYAIIWVRQAPGQGLEWMGAIIPFQDRGQYAQKFQGRVTITADKSTST
AYMELSSLRSEDTAVYYCAKESGRAVADRWGQGTLVTVSSGGGGSGGGGSGGGGSGGGGSGGGGSDIVMTQSPASLALSL
GERATLYCRASHSISSWLAWYQQKPGKAPKLLIYKASTLESGVPSRFSGSGSGTEFTLTISSLQPDDFATYYCQQYKSYP
WTFGQGTKLEIKRGTHHHHHH
;
H,I
2 'polypeptide(L)'
;TGSVLQSGALPSVGVDELDKIDLSYETTESGDTAVSEDSYDKYASNNTNKEYVCDFTDQLKPTESGPKVKKCEVKVNEPL
IKVKIICPLKGSVEKLYDNIEYVPKKSPYVVLTKEETKLKEKLLSKLIYGLLISPTVNEKENNFKEGVIEFTLPPVVHKA
TVFYFICDNSKTEDDNKKGNRGIVEVYVEPYGNKINGCAFLDEDEEEEKYGNQIEEDEHNEKIKMKTFFTQNIYKKNNIY
PCYMKLYSGDIGGILFPKNIKSTTCFEEMIPYNKEIKWNKENKSLGNLVNNSVVYNKEMNAKYFNVQYVHIPTSYKDTLN
LFCSIILKEEESNLISTSYLVYVSINEGTHHHHHH
;
A,B
#
# COMPACT_ATOMS: atom_id res chain seq x y z
N GLN A 3 -8.22 -3.93 17.73
CA GLN A 3 -7.00 -3.50 18.46
C GLN A 3 -7.31 -2.36 19.43
N VAL A 4 -6.26 -1.65 19.85
CA VAL A 4 -6.35 -0.68 20.92
C VAL A 4 -6.55 0.70 20.33
N GLN A 5 -7.51 1.45 20.87
CA GLN A 5 -7.80 2.81 20.44
C GLN A 5 -7.90 3.73 21.64
N LEU A 6 -7.30 4.91 21.51
CA LEU A 6 -7.42 6.00 22.46
C LEU A 6 -8.20 7.12 21.79
N VAL A 7 -9.36 7.45 22.34
CA VAL A 7 -10.24 8.48 21.79
C VAL A 7 -10.33 9.61 22.80
N GLN A 8 -9.94 10.80 22.38
CA GLN A 8 -9.94 11.98 23.22
C GLN A 8 -11.18 12.84 22.97
N SER A 9 -11.49 13.68 23.95
CA SER A 9 -12.55 14.66 23.81
C SER A 9 -12.18 15.69 22.74
N GLY A 10 -13.15 16.51 22.38
CA GLY A 10 -13.03 17.39 21.23
C GLY A 10 -12.41 18.75 21.55
N ALA A 11 -12.25 19.54 20.49
CA ALA A 11 -11.56 20.82 20.60
C ALA A 11 -12.24 21.72 21.62
N GLU A 12 -11.44 22.58 22.25
CA GLU A 12 -11.92 23.48 23.29
C GLU A 12 -11.41 24.89 23.04
N VAL A 13 -12.23 25.87 23.41
CA VAL A 13 -11.84 27.28 23.47
C VAL A 13 -12.09 27.78 24.88
N LYS A 14 -11.07 28.34 25.50
CA LYS A 14 -11.16 28.81 26.88
C LYS A 14 -10.63 30.23 26.98
N LYS A 15 -11.08 30.93 28.00
CA LYS A 15 -10.56 32.27 28.27
C LYS A 15 -9.30 32.17 29.13
N PRO A 16 -8.39 33.13 29.03
CA PRO A 16 -7.21 33.11 29.91
C PRO A 16 -7.63 33.07 31.36
N GLY A 17 -6.90 32.29 32.16
CA GLY A 17 -7.22 32.11 33.56
C GLY A 17 -8.16 30.97 33.84
N SER A 18 -8.79 30.39 32.82
CA SER A 18 -9.71 29.29 33.00
C SER A 18 -8.95 27.97 33.15
N SER A 19 -9.71 26.89 33.32
CA SER A 19 -9.17 25.54 33.36
C SER A 19 -9.85 24.71 32.28
N VAL A 20 -9.17 23.67 31.82
CA VAL A 20 -9.71 22.77 30.80
C VAL A 20 -9.39 21.35 31.23
N LYS A 21 -10.31 20.42 30.96
CA LYS A 21 -10.15 19.02 31.31
C LYS A 21 -10.37 18.18 30.05
N VAL A 22 -9.33 17.47 29.64
CA VAL A 22 -9.35 16.67 28.42
C VAL A 22 -9.45 15.21 28.81
N SER A 23 -10.29 14.46 28.11
CA SER A 23 -10.52 13.05 28.40
C SER A 23 -9.85 12.17 27.35
N CYS A 24 -9.61 10.92 27.73
CA CYS A 24 -8.91 9.96 26.88
C CYS A 24 -9.47 8.58 27.22
N LYS A 25 -10.32 8.05 26.34
CA LYS A 25 -10.99 6.78 26.56
C LYS A 25 -10.22 5.68 25.87
N VAL A 26 -9.82 4.66 26.64
CA VAL A 26 -9.04 3.54 26.14
C VAL A 26 -9.98 2.37 25.89
N SER A 27 -9.96 1.83 24.67
CA SER A 27 -10.78 0.68 24.32
C SER A 27 -9.89 -0.41 23.74
N GLY A 28 -10.17 -1.66 24.13
CA GLY A 28 -9.47 -2.80 23.59
C GLY A 28 -8.13 -3.12 24.20
N GLY A 29 -7.75 -2.44 25.28
CA GLY A 29 -6.51 -2.74 25.95
C GLY A 29 -6.70 -2.71 27.46
N THR A 30 -5.75 -3.33 28.16
CA THR A 30 -5.80 -3.34 29.61
C THR A 30 -5.48 -1.94 30.12
N PHE A 31 -6.30 -1.45 31.05
CA PHE A 31 -6.24 -0.08 31.51
C PHE A 31 -5.55 0.09 32.85
N ASN A 32 -5.83 -0.79 33.81
CA ASN A 32 -5.53 -0.47 35.20
C ASN A 32 -4.03 -0.47 35.49
N THR A 33 -3.25 -1.29 34.78
CA THR A 33 -1.87 -1.56 35.16
C THR A 33 -0.85 -1.04 34.15
N TYR A 34 -1.26 -0.24 33.19
CA TYR A 34 -0.38 0.34 32.18
C TYR A 34 -0.46 1.86 32.26
N ALA A 35 0.69 2.50 32.07
CA ALA A 35 0.77 3.95 32.25
C ALA A 35 0.09 4.68 31.11
N ILE A 36 -0.66 5.72 31.46
CA ILE A 36 -1.21 6.68 30.52
C ILE A 36 -0.38 7.95 30.65
N ILE A 37 0.15 8.44 29.54
CA ILE A 37 0.94 9.66 29.56
C ILE A 37 0.18 10.75 28.82
N TRP A 38 0.51 12.00 29.15
CA TRP A 38 -0.03 13.16 28.48
C TRP A 38 1.11 13.97 27.91
N VAL A 39 1.00 14.31 26.63
CA VAL A 39 2.01 15.06 25.88
C VAL A 39 1.27 16.19 25.17
N ARG A 40 1.89 17.36 25.12
CA ARG A 40 1.32 18.48 24.38
C ARG A 40 2.30 18.95 23.31
N GLN A 41 1.75 19.59 22.29
CA GLN A 41 2.53 20.09 21.16
C GLN A 41 2.00 21.47 20.80
N ALA A 42 2.73 22.50 21.16
CA ALA A 42 2.37 23.83 20.71
C ALA A 42 2.47 23.86 19.19
N PRO A 43 1.58 24.59 18.51
CA PRO A 43 1.55 24.51 17.04
C PRO A 43 2.87 24.93 16.43
N GLY A 44 3.32 24.15 15.45
CA GLY A 44 4.59 24.40 14.81
C GLY A 44 5.81 24.11 15.65
N GLN A 45 5.63 23.57 16.85
CA GLN A 45 6.72 23.36 17.79
C GLN A 45 6.78 21.87 18.17
N GLY A 46 7.62 21.54 19.14
CA GLY A 46 7.92 20.16 19.44
C GLY A 46 6.95 19.54 20.44
N LEU A 47 7.26 18.29 20.78
CA LEU A 47 6.47 17.51 21.73
C LEU A 47 7.02 17.69 23.13
N GLU A 48 6.12 17.70 24.11
CA GLU A 48 6.48 18.01 25.49
C GLU A 48 5.69 17.12 26.43
N TRP A 49 6.41 16.33 27.22
CA TRP A 49 5.80 15.44 28.19
C TRP A 49 5.29 16.24 29.38
N MET A 50 4.05 15.98 29.78
CA MET A 50 3.42 16.70 30.90
C MET A 50 3.32 15.86 32.15
N GLY A 51 3.02 14.57 32.02
CA GLY A 51 2.88 13.71 33.18
C GLY A 51 2.36 12.35 32.76
N ALA A 52 2.10 11.53 33.78
CA ALA A 52 1.64 10.17 33.54
C ALA A 52 0.89 9.68 34.77
N ILE A 53 0.13 8.61 34.58
CA ILE A 53 -0.54 7.94 35.69
C ILE A 53 -0.68 6.46 35.35
N ILE A 54 -0.43 5.61 36.35
CA ILE A 54 -0.80 4.20 36.29
C ILE A 54 -2.14 4.05 37.03
N PRO A 55 -3.25 3.83 36.32
CA PRO A 55 -4.58 4.06 36.94
C PRO A 55 -4.80 3.43 38.30
N PHE A 56 -4.27 2.23 38.58
CA PHE A 56 -4.57 1.62 39.87
C PHE A 56 -3.96 2.41 41.03
N GLN A 57 -2.96 3.26 40.78
CA GLN A 57 -2.28 3.96 41.85
C GLN A 57 -3.02 5.20 42.35
N ASP A 58 -3.97 5.72 41.56
CA ASP A 58 -4.77 6.87 41.99
C ASP A 58 -3.90 8.10 42.26
N ARG A 59 -2.86 8.27 41.44
CA ARG A 59 -1.98 9.43 41.60
C ARG A 59 -1.07 9.57 40.39
N GLY A 60 -1.04 10.75 39.80
CA GLY A 60 -0.18 10.99 38.66
C GLY A 60 1.16 11.57 39.04
N GLN A 61 2.10 11.50 38.09
CA GLN A 61 3.39 12.16 38.19
C GLN A 61 3.45 13.22 37.09
N TYR A 62 4.15 14.33 37.37
CA TYR A 62 4.09 15.49 36.51
C TYR A 62 5.48 16.07 36.31
N ALA A 63 5.71 16.61 35.12
CA ALA A 63 6.91 17.39 34.89
C ALA A 63 6.90 18.63 35.79
N GLN A 64 8.06 18.95 36.35
CA GLN A 64 8.15 20.11 37.23
C GLN A 64 7.60 21.36 36.55
N LYS A 65 7.79 21.45 35.23
CA LYS A 65 7.27 22.60 34.48
C LYS A 65 5.79 22.84 34.76
N PHE A 66 5.03 21.78 35.02
CA PHE A 66 3.58 21.89 35.20
C PHE A 66 3.13 21.62 36.64
N GLN A 67 4.07 21.40 37.56
CA GLN A 67 3.69 21.12 38.94
C GLN A 67 2.75 22.19 39.47
N GLY A 68 1.60 21.75 39.97
CA GLY A 68 0.62 22.64 40.55
C GLY A 68 -0.41 23.19 39.58
N ARG A 69 -0.22 23.00 38.27
CA ARG A 69 -1.20 23.43 37.29
C ARG A 69 -1.88 22.27 36.57
N VAL A 70 -1.33 21.07 36.64
CA VAL A 70 -1.86 19.92 35.93
C VAL A 70 -2.28 18.85 36.94
N THR A 71 -3.46 18.27 36.71
CA THR A 71 -3.93 17.12 37.45
C THR A 71 -4.26 16.04 36.43
N ILE A 72 -3.67 14.86 36.61
CA ILE A 72 -3.97 13.69 35.79
C ILE A 72 -4.68 12.67 36.66
N THR A 73 -5.84 12.20 36.20
CA THR A 73 -6.66 11.24 36.92
C THR A 73 -7.07 10.14 35.96
N ALA A 74 -7.62 9.06 36.52
CA ALA A 74 -8.08 7.94 35.71
C ALA A 74 -9.32 7.35 36.36
N ASP A 75 -10.34 7.10 35.56
CA ASP A 75 -11.58 6.47 36.00
C ASP A 75 -11.55 5.03 35.52
N LYS A 76 -11.30 4.11 36.46
CA LYS A 76 -11.12 2.71 36.09
C LYS A 76 -12.40 2.07 35.60
N SER A 77 -13.56 2.50 36.12
CA SER A 77 -14.81 1.86 35.70
C SER A 77 -15.18 2.21 34.26
N THR A 78 -14.64 3.29 33.71
CA THR A 78 -14.90 3.67 32.33
C THR A 78 -13.64 3.62 31.46
N SER A 79 -12.50 3.20 32.01
CA SER A 79 -11.24 3.17 31.28
C SER A 79 -10.98 4.50 30.58
N THR A 80 -11.16 5.59 31.33
CA THR A 80 -10.97 6.93 30.82
C THR A 80 -9.98 7.67 31.71
N ALA A 81 -8.93 8.22 31.11
CA ALA A 81 -7.98 9.08 31.80
C ALA A 81 -8.30 10.54 31.49
N TYR A 82 -7.94 11.42 32.42
CA TYR A 82 -8.20 12.85 32.27
C TYR A 82 -6.95 13.65 32.57
N MET A 83 -6.87 14.82 31.95
CA MET A 83 -5.82 15.79 32.20
C MET A 83 -6.48 17.14 32.35
N GLU A 84 -6.33 17.75 33.52
CA GLU A 84 -6.91 19.07 33.80
C GLU A 84 -5.76 20.06 33.96
N LEU A 85 -5.78 21.11 33.17
CA LEU A 85 -4.77 22.15 33.19
C LEU A 85 -5.43 23.46 33.58
N SER A 86 -4.96 24.08 34.66
CA SER A 86 -5.59 25.26 35.21
C SER A 86 -4.80 26.51 34.88
N SER A 87 -5.41 27.66 35.18
CA SER A 87 -4.81 28.98 34.95
C SER A 87 -4.24 29.07 33.54
N LEU A 88 -5.13 28.85 32.56
CA LEU A 88 -4.70 28.84 31.17
C LEU A 88 -4.24 30.22 30.73
N ARG A 89 -3.21 30.24 29.88
CA ARG A 89 -2.73 31.45 29.26
C ARG A 89 -2.46 31.15 27.79
N SER A 90 -2.21 32.21 27.02
CA SER A 90 -2.04 32.07 25.57
C SER A 90 -1.05 30.97 25.21
N GLU A 91 0.08 30.90 25.92
CA GLU A 91 1.11 29.94 25.59
C GLU A 91 0.66 28.50 25.81
N ASP A 92 -0.49 28.26 26.45
CA ASP A 92 -1.00 26.91 26.60
C ASP A 92 -1.77 26.42 25.38
N THR A 93 -2.02 27.28 24.41
CA THR A 93 -2.64 26.85 23.17
C THR A 93 -1.79 25.76 22.54
N ALA A 94 -2.38 24.58 22.34
CA ALA A 94 -1.61 23.44 21.88
C ALA A 94 -2.57 22.30 21.58
N VAL A 95 -2.05 21.27 20.91
CA VAL A 95 -2.74 20.01 20.77
C VAL A 95 -2.24 19.08 21.87
N TYR A 96 -3.16 18.58 22.69
CA TYR A 96 -2.83 17.72 23.81
C TYR A 96 -3.10 16.28 23.43
N TYR A 97 -2.12 15.42 23.63
CA TYR A 97 -2.21 14.01 23.28
C TYR A 97 -2.18 13.17 24.55
N CYS A 98 -2.98 12.11 24.55
CA CYS A 98 -2.81 11.02 25.51
C CYS A 98 -2.19 9.83 24.79
N ALA A 99 -1.42 9.05 25.53
CA ALA A 99 -0.78 7.87 25.00
C ALA A 99 -0.65 6.85 26.12
N LYS A 100 -0.43 5.60 25.74
CA LYS A 100 -0.26 4.54 26.73
C LYS A 100 0.84 3.59 26.28
N GLU A 101 1.50 2.99 27.26
CA GLU A 101 2.45 1.91 27.04
C GLU A 101 1.72 0.57 27.13
N SER A 102 2.31 -0.44 26.49
CA SER A 102 1.67 -1.74 26.33
C SER A 102 2.61 -2.87 26.73
N GLY A 103 3.45 -2.65 27.74
CA GLY A 103 4.37 -3.66 28.21
C GLY A 103 5.77 -3.56 27.66
N ARG A 104 6.03 -2.61 26.76
CA ARG A 104 7.36 -2.40 26.18
C ARG A 104 7.93 -1.05 26.57
N ALA A 105 7.41 -0.46 27.64
CA ALA A 105 7.94 0.76 28.25
C ALA A 105 7.63 1.99 27.42
N VAL A 106 7.67 1.86 26.10
CA VAL A 106 7.44 3.01 25.21
C VAL A 106 5.95 3.27 25.07
N ALA A 107 5.60 4.53 24.90
CA ALA A 107 4.24 4.93 24.55
C ALA A 107 3.98 4.56 23.09
N ASP A 108 3.23 3.47 22.87
CA ASP A 108 3.04 2.92 21.55
C ASP A 108 1.60 2.97 21.06
N ARG A 109 0.68 3.53 21.84
CA ARG A 109 -0.70 3.75 21.42
C ARG A 109 -1.05 5.19 21.76
N TRP A 110 -1.50 5.95 20.76
CA TRP A 110 -1.72 7.39 20.91
C TRP A 110 -3.15 7.78 20.57
N GLY A 111 -3.68 8.74 21.32
CA GLY A 111 -4.95 9.35 20.95
C GLY A 111 -4.80 10.25 19.73
N GLN A 112 -5.94 10.74 19.24
CA GLN A 112 -5.95 11.55 18.03
C GLN A 112 -5.59 13.01 18.31
N GLY A 113 -5.54 13.42 19.56
CA GLY A 113 -5.18 14.78 19.89
C GLY A 113 -6.40 15.65 20.16
N THR A 114 -6.22 16.64 21.03
CA THR A 114 -7.26 17.60 21.37
C THR A 114 -6.67 19.00 21.28
N LEU A 115 -7.20 19.83 20.39
CA LEU A 115 -6.77 21.22 20.30
C LEU A 115 -7.43 22.02 21.41
N VAL A 116 -6.62 22.76 22.16
CA VAL A 116 -7.12 23.67 23.19
C VAL A 116 -6.65 25.07 22.82
N THR A 117 -7.60 25.99 22.68
CA THR A 117 -7.32 27.36 22.28
C THR A 117 -7.63 28.28 23.45
N VAL A 118 -6.68 29.15 23.77
CA VAL A 118 -6.84 30.15 24.81
C VAL A 118 -7.05 31.50 24.13
N SER A 119 -8.22 32.08 24.32
CA SER A 119 -8.61 33.29 23.61
C SER A 119 -9.59 34.08 24.48
N SER A 120 -9.44 35.40 24.46
CA SER A 120 -10.36 36.28 25.17
C SER A 120 -11.30 36.98 24.18
N GLY A 143 13.99 21.77 33.76
CA GLY A 143 14.66 21.72 35.05
C GLY A 143 16.06 21.14 34.95
N GLY A 144 16.89 21.48 35.92
CA GLY A 144 18.24 20.94 35.94
C GLY A 144 18.23 19.42 36.03
N SER A 145 19.17 18.81 35.31
CA SER A 145 19.40 17.36 35.26
C SER A 145 18.42 16.63 34.36
N ASP A 146 17.59 17.35 33.60
CA ASP A 146 16.74 16.70 32.60
C ASP A 146 17.58 16.33 31.39
N ILE A 147 17.18 15.26 30.72
CA ILE A 147 17.90 14.79 29.54
C ILE A 147 17.48 15.61 28.33
N VAL A 148 18.45 16.20 27.64
CA VAL A 148 18.20 17.01 26.45
C VAL A 148 18.49 16.17 25.22
N MET A 149 17.53 16.11 24.31
CA MET A 149 17.67 15.37 23.05
C MET A 149 17.89 16.38 21.93
N THR A 150 18.98 16.22 21.19
CA THR A 150 19.34 17.13 20.11
C THR A 150 19.32 16.36 18.80
N GLN A 151 18.42 16.76 17.91
CA GLN A 151 18.30 16.13 16.60
C GLN A 151 18.98 16.97 15.53
N SER A 152 19.41 16.29 14.46
CA SER A 152 19.92 16.95 13.27
C SER A 152 19.80 15.98 12.11
N PRO A 153 19.63 16.47 10.87
CA PRO A 153 19.50 17.91 10.59
C PRO A 153 18.13 18.43 10.99
N ALA A 154 17.98 19.75 11.15
CA ALA A 154 16.67 20.30 11.44
C ALA A 154 15.73 20.13 10.26
N SER A 155 16.27 20.12 9.04
CA SER A 155 15.48 19.96 7.83
C SER A 155 16.27 19.15 6.81
N LEU A 156 15.55 18.26 6.11
CA LEU A 156 16.11 17.46 5.03
C LEU A 156 15.23 17.64 3.80
N ALA A 157 15.85 17.99 2.68
CA ALA A 157 15.16 18.07 1.39
C ALA A 157 15.78 17.00 0.49
N LEU A 158 14.99 15.97 0.18
CA LEU A 158 15.49 14.83 -0.59
C LEU A 158 14.46 14.45 -1.65
N SER A 159 14.93 13.71 -2.65
CA SER A 159 14.08 13.25 -3.73
C SER A 159 13.56 11.84 -3.44
N LEU A 160 12.50 11.47 -4.15
CA LEU A 160 11.96 10.13 -4.04
C LEU A 160 13.03 9.10 -4.40
N GLY A 161 13.10 8.04 -3.60
CA GLY A 161 14.04 6.97 -3.84
C GLY A 161 15.42 7.18 -3.24
N GLU A 162 15.70 8.35 -2.69
CA GLU A 162 16.98 8.58 -2.04
C GLU A 162 16.96 8.07 -0.61
N ARG A 163 18.15 7.81 -0.07
CA ARG A 163 18.29 7.42 1.33
C ARG A 163 18.32 8.66 2.21
N ALA A 164 17.65 8.58 3.35
CA ALA A 164 17.67 9.64 4.36
C ALA A 164 18.29 9.10 5.64
N THR A 165 19.15 9.91 6.26
CA THR A 165 19.79 9.56 7.52
C THR A 165 19.57 10.68 8.52
N LEU A 166 18.96 10.36 9.65
CA LEU A 166 18.65 11.31 10.71
C LEU A 166 19.45 10.95 11.95
N TYR A 167 19.84 11.98 12.71
CA TYR A 167 20.69 11.81 13.87
C TYR A 167 20.01 12.35 15.13
N CYS A 168 20.30 11.71 16.26
CA CYS A 168 19.75 12.09 17.56
C CYS A 168 20.83 11.92 18.62
N ARG A 169 21.05 12.96 19.40
CA ARG A 169 22.03 12.96 20.49
C ARG A 169 21.34 13.26 21.81
N ALA A 170 21.70 12.48 22.83
CA ALA A 170 21.21 12.67 24.19
C ALA A 170 22.32 13.25 25.05
N SER A 171 21.94 14.15 25.97
CA SER A 171 22.92 14.76 26.86
C SER A 171 23.39 13.82 27.96
N HIS A 172 22.64 12.75 28.22
CA HIS A 172 23.00 11.74 29.22
C HIS A 172 22.87 10.37 28.57
N SER A 173 23.60 9.41 29.13
CA SER A 173 23.50 8.05 28.63
C SER A 173 22.09 7.51 28.87
N ILE A 174 21.47 6.94 27.84
CA ILE A 174 20.14 6.38 27.95
C ILE A 174 20.14 4.94 27.46
N SER A 175 21.32 4.33 27.36
CA SER A 175 21.44 2.97 26.86
C SER A 175 20.70 2.88 25.53
N SER A 176 19.69 2.01 25.45
CA SER A 176 18.89 1.87 24.24
C SER A 176 17.44 2.27 24.45
N TRP A 177 17.14 3.04 25.49
CA TRP A 177 15.78 3.48 25.77
C TRP A 177 15.44 4.72 24.93
N LEU A 178 15.46 4.52 23.60
CA LEU A 178 15.21 5.60 22.66
C LEU A 178 14.22 5.14 21.59
N ALA A 179 13.25 5.99 21.30
CA ALA A 179 12.23 5.72 20.30
C ALA A 179 12.27 6.77 19.20
N TRP A 180 11.80 6.38 18.02
CA TRP A 180 11.66 7.29 16.88
C TRP A 180 10.20 7.36 16.49
N TYR A 181 9.68 8.58 16.34
CA TYR A 181 8.30 8.81 15.97
C TYR A 181 8.22 9.55 14.65
N GLN A 182 7.22 9.20 13.85
CA GLN A 182 6.88 9.90 12.63
C GLN A 182 5.56 10.64 12.85
N GLN A 183 5.54 11.93 12.52
CA GLN A 183 4.34 12.74 12.66
C GLN A 183 4.03 13.40 11.33
N LYS A 184 2.85 13.14 10.81
CA LYS A 184 2.36 13.86 9.66
C LYS A 184 1.55 15.07 10.13
N PRO A 185 1.45 16.12 9.31
CA PRO A 185 0.78 17.33 9.77
C PRO A 185 -0.64 17.04 10.23
N GLY A 186 -0.97 17.54 11.42
CA GLY A 186 -2.29 17.36 11.99
C GLY A 186 -2.54 16.03 12.65
N LYS A 187 -1.62 15.06 12.52
CA LYS A 187 -1.83 13.72 13.04
C LYS A 187 -0.97 13.49 14.27
N ALA A 188 -1.38 12.50 15.07
CA ALA A 188 -0.63 12.15 16.26
C ALA A 188 0.68 11.48 15.87
N PRO A 189 1.70 11.57 16.73
CA PRO A 189 2.94 10.81 16.47
C PRO A 189 2.63 9.34 16.29
N LYS A 190 3.38 8.70 15.38
CA LYS A 190 3.29 7.28 15.11
C LYS A 190 4.64 6.66 15.45
N LEU A 191 4.64 5.67 16.33
CA LEU A 191 5.87 4.99 16.70
C LEU A 191 6.42 4.18 15.54
N LEU A 192 7.69 4.39 15.22
CA LEU A 192 8.39 3.63 14.19
C LEU A 192 9.39 2.64 14.79
N ILE A 193 10.21 3.09 15.74
CA ILE A 193 11.28 2.30 16.31
C ILE A 193 11.31 2.52 17.81
N TYR A 194 11.50 1.44 18.56
CA TYR A 194 11.70 1.52 20.00
C TYR A 194 12.89 0.64 20.37
N LYS A 195 13.39 0.83 21.59
CA LYS A 195 14.62 0.18 22.04
C LYS A 195 15.73 0.40 21.01
N ALA A 196 15.76 1.61 20.45
CA ALA A 196 16.80 2.07 19.53
C ALA A 196 16.72 1.43 18.15
N SER A 197 16.42 0.13 18.07
CA SER A 197 16.54 -0.58 16.79
C SER A 197 15.41 -1.54 16.48
N THR A 198 14.40 -1.66 17.34
CA THR A 198 13.31 -2.60 17.13
C THR A 198 12.17 -1.92 16.35
N LEU A 199 11.80 -2.50 15.22
CA LEU A 199 10.70 -1.97 14.44
C LEU A 199 9.36 -2.26 15.09
N GLU A 200 8.50 -1.25 15.18
CA GLU A 200 7.12 -1.48 15.58
C GLU A 200 6.40 -2.29 14.51
N SER A 201 5.43 -3.08 14.94
CA SER A 201 4.68 -3.92 14.02
C SER A 201 4.01 -3.07 12.95
N GLY A 202 4.06 -3.55 11.71
CA GLY A 202 3.47 -2.85 10.60
C GLY A 202 4.33 -1.76 9.98
N VAL A 203 5.48 -1.49 10.55
CA VAL A 203 6.38 -0.45 10.01
C VAL A 203 7.25 -1.08 8.91
N PRO A 204 7.33 -0.48 7.73
CA PRO A 204 8.10 -1.11 6.65
C PRO A 204 9.57 -1.21 7.00
N SER A 205 10.23 -2.23 6.43
CA SER A 205 11.60 -2.55 6.79
C SER A 205 12.61 -1.54 6.25
N ARG A 206 12.18 -0.58 5.44
CA ARG A 206 13.11 0.45 4.98
C ARG A 206 13.49 1.41 6.11
N PHE A 207 12.72 1.42 7.20
CA PHE A 207 13.09 2.17 8.39
C PHE A 207 13.98 1.31 9.27
N SER A 208 15.08 1.89 9.77
CA SER A 208 15.97 1.19 10.67
C SER A 208 16.61 2.19 11.63
N GLY A 209 16.88 1.73 12.84
CA GLY A 209 17.51 2.54 13.85
C GLY A 209 18.79 1.89 14.35
N SER A 210 19.73 2.71 14.81
CA SER A 210 20.99 2.24 15.33
C SER A 210 21.43 3.13 16.47
N GLY A 211 22.34 2.61 17.29
CA GLY A 211 22.98 3.39 18.32
C GLY A 211 22.58 2.93 19.73
N SER A 212 23.38 3.39 20.70
CA SER A 212 23.14 3.13 22.11
C SER A 212 24.04 4.07 22.91
N GLY A 213 23.59 4.45 24.10
CA GLY A 213 24.33 5.40 24.90
C GLY A 213 23.86 6.83 24.68
N THR A 214 24.55 7.57 23.81
CA THR A 214 24.23 8.98 23.58
C THR A 214 24.06 9.35 22.10
N GLU A 215 24.34 8.46 21.15
CA GLU A 215 24.28 8.77 19.74
C GLU A 215 23.42 7.75 19.02
N PHE A 216 22.43 8.23 18.27
CA PHE A 216 21.45 7.37 17.61
C PHE A 216 21.18 7.86 16.20
N THR A 217 20.81 6.92 15.33
CA THR A 217 20.51 7.20 13.94
C THR A 217 19.21 6.54 13.52
N LEU A 218 18.46 7.24 12.67
CA LEU A 218 17.33 6.67 11.94
C LEU A 218 17.63 6.76 10.45
N THR A 219 17.53 5.63 9.74
CA THR A 219 17.80 5.58 8.31
C THR A 219 16.56 5.10 7.57
N ILE A 220 16.26 5.77 6.45
CA ILE A 220 15.23 5.34 5.52
C ILE A 220 15.95 4.96 4.23
N SER A 221 15.96 3.67 3.89
CA SER A 221 16.79 3.21 2.79
C SER A 221 16.38 3.83 1.46
N SER A 222 15.08 4.02 1.24
CA SER A 222 14.60 4.58 -0.03
C SER A 222 13.32 5.35 0.23
N LEU A 223 13.36 6.66 0.01
CA LEU A 223 12.22 7.50 0.36
C LEU A 223 11.07 7.29 -0.60
N GLN A 224 9.88 7.16 -0.05
CA GLN A 224 8.62 7.06 -0.76
C GLN A 224 7.74 8.25 -0.38
N PRO A 225 6.73 8.57 -1.19
CA PRO A 225 5.91 9.76 -0.87
C PRO A 225 5.34 9.76 0.53
N ASP A 226 5.00 8.59 1.08
CA ASP A 226 4.44 8.53 2.42
C ASP A 226 5.45 8.87 3.52
N ASP A 227 6.74 8.90 3.20
CA ASP A 227 7.79 9.07 4.20
C ASP A 227 8.11 10.52 4.52
N PHE A 228 7.53 11.48 3.80
CA PHE A 228 7.82 12.89 4.03
C PHE A 228 7.01 13.37 5.21
N ALA A 229 7.69 13.86 6.24
CA ALA A 229 7.08 14.12 7.53
C ALA A 229 8.12 14.72 8.47
N THR A 230 7.72 14.99 9.71
CA THR A 230 8.66 15.38 10.76
C THR A 230 8.91 14.17 11.65
N TYR A 231 10.18 13.90 11.93
CA TYR A 231 10.58 12.77 12.75
C TYR A 231 11.15 13.26 14.07
N TYR A 232 10.74 12.61 15.15
CA TYR A 232 11.17 12.95 16.50
C TYR A 232 11.82 11.73 17.16
N CYS A 233 12.94 11.95 17.84
CA CYS A 233 13.47 10.97 18.77
C CYS A 233 13.02 11.31 20.19
N GLN A 234 12.90 10.28 21.01
CA GLN A 234 12.45 10.45 22.39
C GLN A 234 13.17 9.46 23.28
N GLN A 235 13.81 9.97 24.33
CA GLN A 235 14.35 9.11 25.38
C GLN A 235 13.22 8.76 26.34
N TYR A 236 13.09 7.48 26.67
CA TYR A 236 12.18 7.04 27.73
C TYR A 236 12.95 6.27 28.80
N LYS A 237 14.17 6.71 29.09
CA LYS A 237 14.90 6.18 30.25
C LYS A 237 14.25 6.63 31.55
N SER A 238 14.00 7.92 31.70
CA SER A 238 13.53 8.45 32.98
C SER A 238 12.64 9.67 32.75
N TYR A 239 11.64 9.80 33.61
CA TYR A 239 10.81 10.98 33.63
C TYR A 239 11.64 12.20 34.03
N PRO A 240 11.35 13.38 33.47
CA PRO A 240 10.39 13.65 32.39
C PRO A 240 10.90 13.14 31.05
N TRP A 241 10.08 12.38 30.33
CA TRP A 241 10.43 12.01 28.97
C TRP A 241 10.65 13.27 28.15
N THR A 242 11.67 13.24 27.28
CA THR A 242 12.05 14.40 26.49
C THR A 242 12.21 14.02 25.03
N PHE A 243 11.86 14.97 24.16
CA PHE A 243 11.90 14.77 22.73
C PHE A 243 12.93 15.71 22.12
N GLY A 244 13.53 15.26 21.02
CA GLY A 244 14.23 16.19 20.15
C GLY A 244 13.24 17.12 19.46
N GLN A 245 13.77 18.19 18.89
CA GLN A 245 12.92 19.17 18.22
C GLN A 245 12.54 18.76 16.81
N GLY A 246 12.94 17.58 16.37
CA GLY A 246 12.39 17.03 15.14
C GLY A 246 13.25 17.35 13.93
N THR A 247 13.15 16.46 12.93
CA THR A 247 13.73 16.68 11.62
C THR A 247 12.59 16.69 10.61
N LYS A 248 12.42 17.81 9.91
CA LYS A 248 11.40 17.91 8.86
C LYS A 248 12.01 17.44 7.55
N LEU A 249 11.43 16.38 7.00
CA LEU A 249 11.90 15.74 5.77
C LEU A 249 10.89 16.01 4.67
N GLU A 250 11.26 16.84 3.69
CA GLU A 250 10.36 17.27 2.64
C GLU A 250 10.99 17.01 1.26
N ILE A 251 10.13 17.11 0.25
CA ILE A 251 10.50 16.73 -1.11
C ILE A 251 11.43 17.78 -1.70
N LYS A 252 12.47 17.32 -2.40
CA LYS A 252 13.40 18.23 -3.06
C LYS A 252 12.67 19.01 -4.15
N ARG A 253 12.81 20.32 -4.13
CA ARG A 253 12.16 21.18 -5.11
C ARG A 253 12.67 20.91 -6.52
N GLN B 3 -9.81 1.28 -15.19
CA GLN B 3 -8.65 1.15 -16.11
C GLN B 3 -8.84 -0.02 -17.08
N VAL B 4 -7.74 -0.46 -17.68
CA VAL B 4 -7.75 -1.44 -18.78
C VAL B 4 -7.47 -2.82 -18.21
N GLN B 5 -8.26 -3.81 -18.64
CA GLN B 5 -8.08 -5.18 -18.20
C GLN B 5 -8.08 -6.12 -19.41
N LEU B 6 -7.14 -7.07 -19.40
CA LEU B 6 -7.13 -8.17 -20.36
C LEU B 6 -7.40 -9.46 -19.61
N VAL B 7 -8.51 -10.13 -19.94
CA VAL B 7 -8.94 -11.35 -19.27
C VAL B 7 -8.86 -12.49 -20.27
N GLN B 8 -8.09 -13.52 -19.93
CA GLN B 8 -7.91 -14.68 -20.78
C GLN B 8 -8.78 -15.85 -20.32
N SER B 9 -9.03 -16.76 -21.24
CA SER B 9 -9.72 -18.01 -20.92
C SER B 9 -8.86 -18.86 -19.98
N GLY B 10 -9.46 -19.93 -19.46
CA GLY B 10 -8.85 -20.70 -18.40
C GLY B 10 -7.93 -21.80 -18.89
N ALA B 11 -7.31 -22.49 -17.93
CA ALA B 11 -6.30 -23.49 -18.23
C ALA B 11 -6.88 -24.58 -19.12
N GLU B 12 -6.00 -25.18 -19.93
CA GLU B 12 -6.38 -26.22 -20.88
C GLU B 12 -5.44 -27.41 -20.76
N VAL B 13 -5.99 -28.60 -21.00
CA VAL B 13 -5.23 -29.84 -21.11
C VAL B 13 -5.55 -30.44 -22.47
N LYS B 14 -4.52 -30.70 -23.27
CA LYS B 14 -4.70 -31.21 -24.62
C LYS B 14 -3.79 -32.40 -24.83
N LYS B 15 -4.18 -33.24 -25.78
CA LYS B 15 -3.36 -34.37 -26.18
C LYS B 15 -2.35 -33.94 -27.24
N PRO B 16 -1.21 -34.63 -27.34
CA PRO B 16 -0.26 -34.31 -28.41
C PRO B 16 -0.93 -34.37 -29.77
N GLY B 17 -0.60 -33.42 -30.62
CA GLY B 17 -1.20 -33.34 -31.94
C GLY B 17 -2.49 -32.55 -32.02
N SER B 18 -3.10 -32.21 -30.88
CA SER B 18 -4.32 -31.44 -30.88
C SER B 18 -4.00 -29.95 -31.06
N SER B 19 -5.05 -29.13 -31.09
CA SER B 19 -4.92 -27.69 -31.17
C SER B 19 -5.62 -27.06 -29.97
N VAL B 20 -5.19 -25.84 -29.63
CA VAL B 20 -5.77 -25.10 -28.51
C VAL B 20 -6.00 -23.66 -28.96
N LYS B 21 -7.10 -23.08 -28.49
CA LYS B 21 -7.47 -21.70 -28.83
C LYS B 21 -7.70 -20.94 -27.53
N VAL B 22 -6.89 -19.93 -27.29
CA VAL B 22 -6.96 -19.11 -26.09
C VAL B 22 -7.55 -17.76 -26.45
N SER B 23 -8.46 -17.28 -25.61
CA SER B 23 -9.14 -16.02 -25.83
C SER B 23 -8.57 -14.95 -24.91
N CYS B 24 -8.76 -13.70 -25.31
CA CYS B 24 -8.21 -12.56 -24.59
C CYS B 24 -9.17 -11.39 -24.78
N LYS B 25 -9.97 -11.10 -23.76
CA LYS B 25 -10.98 -10.06 -23.84
C LYS B 25 -10.44 -8.78 -23.24
N VAL B 26 -10.50 -7.70 -24.03
CA VAL B 26 -9.98 -6.39 -23.63
C VAL B 26 -11.15 -5.55 -23.14
N SER B 27 -11.03 -5.01 -21.93
CA SER B 27 -12.06 -4.17 -21.34
C SER B 27 -11.46 -2.83 -20.94
N GLY B 28 -12.20 -1.76 -21.23
CA GLY B 28 -11.80 -0.42 -20.81
C GLY B 28 -10.76 0.26 -21.67
N GLY B 29 -10.40 -0.33 -22.82
CA GLY B 29 -9.45 0.30 -23.71
C GLY B 29 -9.89 0.17 -25.16
N THR B 30 -9.30 1.02 -26.00
CA THR B 30 -9.60 0.96 -27.43
C THR B 30 -8.96 -0.28 -28.04
N PHE B 31 -9.75 -1.03 -28.81
CA PHE B 31 -9.37 -2.35 -29.30
C PHE B 31 -8.96 -2.35 -30.77
N ASN B 32 -9.70 -1.67 -31.63
CA ASN B 32 -9.60 -1.95 -33.06
C ASN B 32 -8.27 -1.50 -33.67
N THR B 33 -7.65 -0.46 -33.11
CA THR B 33 -6.54 0.21 -33.76
C THR B 33 -5.23 0.05 -32.99
N TYR B 34 -5.18 -0.82 -31.99
CA TYR B 34 -3.99 -1.07 -31.19
C TYR B 34 -3.60 -2.53 -31.29
N ALA B 35 -2.29 -2.79 -31.33
CA ALA B 35 -1.81 -4.14 -31.55
C ALA B 35 -2.01 -5.00 -30.31
N ILE B 36 -2.49 -6.22 -30.54
CA ILE B 36 -2.55 -7.27 -29.52
C ILE B 36 -1.44 -8.26 -29.83
N ILE B 37 -0.58 -8.53 -28.86
CA ILE B 37 0.51 -9.48 -29.04
C ILE B 37 0.24 -10.70 -28.17
N TRP B 38 0.85 -11.81 -28.57
CA TRP B 38 0.83 -13.05 -27.81
C TRP B 38 2.26 -13.46 -27.49
N VAL B 39 2.50 -13.76 -26.22
CA VAL B 39 3.79 -14.15 -25.69
C VAL B 39 3.59 -15.37 -24.82
N ARG B 40 4.51 -16.33 -24.90
CA ARG B 40 4.44 -17.53 -24.09
C ARG B 40 5.69 -17.71 -23.25
N GLN B 41 5.55 -18.46 -22.16
CA GLN B 41 6.63 -18.70 -21.23
C GLN B 41 6.59 -20.17 -20.82
N ALA B 42 7.51 -20.96 -21.35
CA ALA B 42 7.64 -22.33 -20.89
C ALA B 42 8.10 -22.34 -19.43
N PRO B 43 7.62 -23.27 -18.62
CA PRO B 43 7.93 -23.23 -17.19
C PRO B 43 9.44 -23.26 -16.94
N GLY B 44 9.88 -22.40 -16.04
CA GLY B 44 11.29 -22.27 -15.74
C GLY B 44 12.11 -21.59 -16.82
N GLN B 45 11.49 -21.08 -17.88
CA GLN B 45 12.21 -20.51 -19.00
C GLN B 45 11.73 -19.08 -19.25
N GLY B 46 12.23 -18.49 -20.35
CA GLY B 46 12.01 -17.09 -20.62
C GLY B 46 10.74 -16.83 -21.43
N LEU B 47 10.57 -15.56 -21.79
CA LEU B 47 9.43 -15.12 -22.57
C LEU B 47 9.75 -15.16 -24.06
N GLU B 48 8.73 -15.46 -24.85
CA GLU B 48 8.88 -15.71 -26.28
C GLU B 48 7.72 -15.08 -27.03
N TRP B 49 8.01 -14.15 -27.92
CA TRP B 49 7.00 -13.49 -28.74
C TRP B 49 6.53 -14.44 -29.83
N MET B 50 5.21 -14.57 -29.95
CA MET B 50 4.60 -15.48 -30.92
C MET B 50 4.00 -14.77 -32.12
N GLY B 51 3.39 -13.61 -31.92
CA GLY B 51 2.78 -12.89 -33.02
C GLY B 51 2.00 -11.71 -32.51
N ALA B 52 1.32 -11.05 -33.46
CA ALA B 52 0.57 -9.84 -33.16
C ALA B 52 -0.54 -9.67 -34.19
N ILE B 53 -1.53 -8.86 -33.83
CA ILE B 53 -2.58 -8.48 -34.75
C ILE B 53 -3.07 -7.09 -34.36
N ILE B 54 -3.27 -6.24 -35.35
CA ILE B 54 -4.02 -5.00 -35.21
C ILE B 54 -5.44 -5.28 -35.69
N PRO B 55 -6.43 -5.37 -34.79
CA PRO B 55 -7.71 -6.01 -35.17
C PRO B 55 -8.35 -5.51 -36.45
N PHE B 56 -8.26 -4.22 -36.77
CA PHE B 56 -8.94 -3.75 -37.98
C PHE B 56 -8.32 -4.35 -39.24
N GLN B 57 -7.09 -4.85 -39.18
CA GLN B 57 -6.44 -5.37 -40.39
C GLN B 57 -6.90 -6.78 -40.73
N ASP B 58 -7.47 -7.51 -39.79
CA ASP B 58 -8.00 -8.85 -40.05
C ASP B 58 -6.90 -9.80 -40.54
N ARG B 59 -5.70 -9.65 -39.97
CA ARG B 59 -4.58 -10.51 -40.33
C ARG B 59 -3.44 -10.35 -39.33
N GLY B 60 -3.00 -11.47 -38.76
CA GLY B 60 -1.92 -11.42 -37.80
C GLY B 60 -0.57 -11.64 -38.44
N GLN B 61 0.47 -11.29 -37.68
CA GLN B 61 1.86 -11.56 -38.04
C GLN B 61 2.46 -12.49 -36.99
N TYR B 62 3.40 -13.32 -37.42
CA TYR B 62 3.88 -14.43 -36.60
C TYR B 62 5.40 -14.53 -36.68
N ALA B 63 6.00 -14.94 -35.56
CA ALA B 63 7.40 -15.33 -35.59
C ALA B 63 7.58 -16.52 -36.51
N GLN B 64 8.66 -16.50 -37.30
CA GLN B 64 8.91 -17.59 -38.24
C GLN B 64 8.88 -18.94 -37.55
N LYS B 65 9.34 -19.00 -36.29
CA LYS B 65 9.29 -20.24 -35.53
C LYS B 65 7.88 -20.82 -35.50
N PHE B 66 6.86 -19.97 -35.55
CA PHE B 66 5.47 -20.41 -35.43
C PHE B 66 4.69 -20.31 -36.72
N GLN B 67 5.31 -19.89 -37.82
CA GLN B 67 4.61 -19.78 -39.09
C GLN B 67 3.96 -21.11 -39.45
N GLY B 68 2.65 -21.06 -39.69
CA GLY B 68 1.90 -22.23 -40.10
C GLY B 68 1.34 -23.06 -38.97
N ARG B 69 1.74 -22.79 -37.72
CA ARG B 69 1.19 -23.47 -36.57
C ARG B 69 0.37 -22.57 -35.67
N VAL B 70 0.49 -21.25 -35.81
CA VAL B 70 -0.22 -20.29 -34.97
C VAL B 70 -1.11 -19.42 -35.85
N THR B 71 -2.34 -19.21 -35.40
CA THR B 71 -3.26 -18.27 -36.02
C THR B 71 -3.78 -17.31 -34.95
N ILE B 72 -3.62 -16.02 -35.18
CA ILE B 72 -4.14 -14.98 -34.28
C ILE B 72 -5.28 -14.27 -35.00
N THR B 73 -6.43 -14.16 -34.34
CA THR B 73 -7.61 -13.52 -34.88
C THR B 73 -8.17 -12.54 -33.85
N ALA B 74 -9.10 -11.70 -34.29
CA ALA B 74 -9.71 -10.73 -33.40
C ALA B 74 -11.17 -10.52 -33.76
N ASP B 75 -12.03 -10.53 -32.75
CA ASP B 75 -13.46 -10.28 -32.91
C ASP B 75 -13.71 -8.85 -32.42
N LYS B 76 -13.90 -7.93 -33.36
CA LYS B 76 -13.95 -6.52 -33.02
C LYS B 76 -15.23 -6.17 -32.23
N SER B 77 -16.33 -6.86 -32.49
CA SER B 77 -17.57 -6.53 -31.81
C SER B 77 -17.54 -6.91 -30.33
N THR B 78 -16.66 -7.83 -29.92
CA THR B 78 -16.53 -8.21 -28.52
C THR B 78 -15.19 -7.81 -27.93
N SER B 79 -14.34 -7.14 -28.70
CA SER B 79 -12.99 -6.76 -28.27
C SER B 79 -12.25 -7.95 -27.69
N THR B 80 -12.31 -9.08 -28.40
CA THR B 80 -11.67 -10.31 -27.97
C THR B 80 -10.71 -10.78 -29.04
N ALA B 81 -9.46 -10.99 -28.66
CA ALA B 81 -8.45 -11.56 -29.54
C ALA B 81 -8.27 -13.04 -29.22
N TYR B 82 -7.86 -13.81 -30.22
CA TYR B 82 -7.67 -15.24 -30.08
C TYR B 82 -6.31 -15.64 -30.61
N MET B 83 -5.76 -16.71 -30.04
CA MET B 83 -4.52 -17.33 -30.50
C MET B 83 -4.77 -18.84 -30.54
N GLU B 84 -4.68 -19.41 -31.73
CA GLU B 84 -4.86 -20.84 -31.92
C GLU B 84 -3.54 -21.46 -32.33
N LEU B 85 -3.08 -22.44 -31.56
CA LEU B 85 -1.82 -23.12 -31.79
C LEU B 85 -2.11 -24.60 -32.08
N SER B 86 -1.64 -25.07 -33.23
CA SER B 86 -1.96 -26.41 -33.71
C SER B 86 -0.78 -27.35 -33.51
N SER B 87 -1.03 -28.64 -33.74
CA SER B 87 -0.03 -29.69 -33.63
C SER B 87 0.79 -29.55 -32.34
N LEU B 88 0.07 -29.59 -31.22
CA LEU B 88 0.69 -29.40 -29.92
C LEU B 88 1.61 -30.57 -29.58
N ARG B 89 2.72 -30.25 -28.92
CA ARG B 89 3.66 -31.24 -28.41
C ARG B 89 4.08 -30.81 -27.01
N SER B 90 4.80 -31.72 -26.34
CA SER B 90 5.18 -31.50 -24.94
C SER B 90 5.80 -30.12 -24.74
N GLU B 91 6.70 -29.72 -25.63
CA GLU B 91 7.40 -28.46 -25.49
C GLU B 91 6.49 -27.25 -25.65
N ASP B 92 5.23 -27.44 -26.05
CA ASP B 92 4.28 -26.34 -26.10
C ASP B 92 3.63 -26.06 -24.75
N THR B 93 3.84 -26.92 -23.75
CA THR B 93 3.36 -26.64 -22.41
C THR B 93 3.96 -25.33 -21.92
N ALA B 94 3.10 -24.38 -21.57
CA ALA B 94 3.58 -23.05 -21.24
C ALA B 94 2.43 -22.22 -20.71
N VAL B 95 2.76 -21.08 -20.14
CA VAL B 95 1.78 -20.04 -19.84
C VAL B 95 1.76 -19.09 -21.03
N TYR B 96 0.59 -18.91 -21.62
CA TYR B 96 0.43 -18.05 -22.79
C TYR B 96 -0.19 -16.74 -22.33
N TYR B 97 0.45 -15.63 -22.71
CA TYR B 97 -0.01 -14.30 -22.33
C TYR B 97 -0.44 -13.54 -23.58
N CYS B 98 -1.52 -12.78 -23.44
CA CYS B 98 -1.85 -11.73 -24.38
C CYS B 98 -1.50 -10.40 -23.74
N ALA B 99 -1.12 -9.44 -24.58
CA ALA B 99 -0.78 -8.10 -24.13
C ALA B 99 -1.14 -7.14 -25.24
N LYS B 100 -1.25 -5.86 -24.90
CA LYS B 100 -1.57 -4.85 -25.90
C LYS B 100 -0.77 -3.59 -25.62
N GLU B 101 -0.51 -2.84 -26.69
CA GLU B 101 0.10 -1.53 -26.62
C GLU B 101 -0.98 -0.47 -26.50
N SER B 102 -0.60 0.69 -25.98
CA SER B 102 -1.54 1.75 -25.64
C SER B 102 -1.09 3.09 -26.20
N GLY B 103 -0.47 3.07 -27.37
CA GLY B 103 -0.02 4.29 -28.02
C GLY B 103 1.42 4.66 -27.76
N ARG B 104 2.12 3.89 -26.92
CA ARG B 104 3.52 4.11 -26.59
C ARG B 104 4.41 2.99 -27.11
N ALA B 105 3.93 2.23 -28.10
CA ALA B 105 4.69 1.21 -28.81
C ALA B 105 4.91 -0.05 -27.99
N VAL B 106 5.18 0.12 -26.71
CA VAL B 106 5.47 -1.02 -25.84
C VAL B 106 4.17 -1.69 -25.40
N ALA B 107 4.25 -3.00 -25.19
CA ALA B 107 3.16 -3.76 -24.57
C ALA B 107 3.11 -3.43 -23.09
N ASP B 108 2.13 -2.61 -22.69
CA ASP B 108 2.04 -2.11 -21.33
C ASP B 108 0.81 -2.59 -20.58
N ARG B 109 -0.04 -3.41 -21.19
CA ARG B 109 -1.18 -4.02 -20.53
C ARG B 109 -1.18 -5.51 -20.85
N TRP B 110 -1.22 -6.34 -19.81
CA TRP B 110 -1.05 -7.78 -19.96
C TRP B 110 -2.22 -8.55 -19.37
N GLY B 111 -2.59 -9.64 -20.03
CA GLY B 111 -3.53 -10.58 -19.45
C GLY B 111 -2.89 -11.34 -18.29
N GLN B 112 -3.73 -12.11 -17.60
CA GLN B 112 -3.26 -12.85 -16.43
C GLN B 112 -2.54 -14.14 -16.79
N GLY B 113 -2.60 -14.56 -18.04
CA GLY B 113 -1.94 -15.77 -18.45
C GLY B 113 -2.89 -16.96 -18.52
N THR B 114 -2.59 -17.89 -19.42
CA THR B 114 -3.36 -19.11 -19.58
C THR B 114 -2.38 -20.28 -19.63
N LEU B 115 -2.51 -21.20 -18.69
CA LEU B 115 -1.69 -22.41 -18.70
C LEU B 115 -2.25 -23.40 -19.71
N VAL B 116 -1.38 -23.89 -20.61
CA VAL B 116 -1.74 -24.92 -21.57
C VAL B 116 -0.83 -26.10 -21.34
N THR B 117 -1.43 -27.26 -21.05
CA THR B 117 -0.71 -28.48 -20.73
C THR B 117 -0.96 -29.51 -21.83
N VAL B 118 0.12 -30.12 -22.32
CA VAL B 118 0.03 -31.18 -23.31
C VAL B 118 0.29 -32.50 -22.59
N SER B 119 -0.72 -33.37 -22.57
CA SER B 119 -0.63 -34.60 -21.80
C SER B 119 -1.52 -35.67 -22.43
N SER B 120 -1.05 -36.91 -22.39
CA SER B 120 -1.85 -38.04 -22.86
C SER B 120 -2.39 -38.81 -21.66
N GLY B 144 19.09 -16.88 -37.38
CA GLY B 144 18.36 -15.84 -38.09
C GLY B 144 18.89 -14.44 -37.80
N SER B 145 18.35 -13.46 -38.53
CA SER B 145 18.67 -12.05 -38.31
C SER B 145 17.88 -11.45 -37.15
N ASP B 146 17.28 -12.29 -36.30
CA ASP B 146 16.56 -11.79 -35.15
C ASP B 146 17.52 -11.19 -34.13
N ILE B 147 17.03 -10.20 -33.40
CA ILE B 147 17.85 -9.50 -32.41
C ILE B 147 17.94 -10.35 -31.15
N VAL B 148 19.16 -10.60 -30.70
CA VAL B 148 19.41 -11.41 -29.51
C VAL B 148 19.67 -10.48 -28.34
N MET B 149 18.92 -10.65 -27.26
CA MET B 149 19.09 -9.87 -26.04
C MET B 149 19.81 -10.73 -25.02
N THR B 150 20.93 -10.24 -24.51
CA THR B 150 21.76 -10.96 -23.54
C THR B 150 21.74 -10.17 -22.23
N GLN B 151 21.17 -10.77 -21.20
CA GLN B 151 21.13 -10.17 -19.87
C GLN B 151 22.20 -10.79 -18.98
N SER B 152 22.67 -10.00 -18.02
CA SER B 152 23.56 -10.51 -16.99
C SER B 152 23.50 -9.57 -15.79
N PRO B 153 23.74 -10.06 -14.57
CA PRO B 153 24.00 -11.47 -14.28
C PRO B 153 22.73 -12.31 -14.33
N ALA B 154 22.87 -13.63 -14.45
CA ALA B 154 21.70 -14.50 -14.45
C ALA B 154 21.02 -14.51 -13.10
N SER B 155 21.77 -14.33 -12.02
CA SER B 155 21.20 -14.31 -10.67
C SER B 155 21.96 -13.30 -9.81
N LEU B 156 21.22 -12.59 -8.97
CA LEU B 156 21.77 -11.66 -8.00
C LEU B 156 21.20 -12.00 -6.63
N ALA B 157 22.06 -12.17 -5.65
CA ALA B 157 21.66 -12.35 -4.25
C ALA B 157 22.17 -11.16 -3.46
N LEU B 158 21.24 -10.31 -3.01
CA LEU B 158 21.58 -9.09 -2.30
C LEU B 158 20.65 -8.92 -1.11
N SER B 159 21.08 -8.09 -0.17
CA SER B 159 20.33 -7.81 1.04
C SER B 159 19.45 -6.58 0.84
N LEU B 160 18.45 -6.44 1.71
CA LEU B 160 17.60 -5.27 1.67
C LEU B 160 18.44 -4.00 1.79
N GLY B 161 18.10 -2.99 1.00
CA GLY B 161 18.76 -1.71 1.05
C GLY B 161 20.01 -1.58 0.20
N GLU B 162 20.49 -2.66 -0.40
CA GLU B 162 21.64 -2.55 -1.28
C GLU B 162 21.22 -2.13 -2.69
N ARG B 163 22.18 -1.61 -3.43
CA ARG B 163 21.99 -1.29 -4.84
C ARG B 163 22.09 -2.53 -5.69
N ALA B 164 21.19 -2.63 -6.67
CA ALA B 164 21.22 -3.68 -7.68
C ALA B 164 21.37 -3.03 -9.05
N THR B 165 22.25 -3.59 -9.87
CA THR B 165 22.48 -3.10 -11.23
C THR B 165 22.35 -4.29 -12.16
N LEU B 166 21.44 -4.18 -13.14
CA LEU B 166 21.20 -5.22 -14.13
C LEU B 166 21.62 -4.70 -15.49
N TYR B 167 22.16 -5.60 -16.32
CA TYR B 167 22.72 -5.22 -17.61
C TYR B 167 22.00 -5.97 -18.72
N CYS B 168 21.87 -5.31 -19.86
CA CYS B 168 21.19 -5.87 -21.04
C CYS B 168 21.96 -5.42 -22.27
N ARG B 169 22.33 -6.36 -23.12
CA ARG B 169 23.05 -6.08 -24.35
C ARG B 169 22.23 -6.58 -25.53
N ALA B 170 22.14 -5.75 -26.57
CA ALA B 170 21.45 -6.12 -27.80
C ALA B 170 22.46 -6.43 -28.89
N SER B 171 22.16 -7.43 -29.71
CA SER B 171 23.04 -7.82 -30.81
C SER B 171 22.97 -6.84 -31.98
N HIS B 172 21.92 -6.02 -32.04
CA HIS B 172 21.78 -5.00 -33.07
C HIS B 172 21.42 -3.69 -32.38
N SER B 173 21.71 -2.58 -33.04
CA SER B 173 21.31 -1.30 -32.47
C SER B 173 19.79 -1.19 -32.43
N ILE B 174 19.26 -0.81 -31.27
CA ILE B 174 17.82 -0.68 -31.10
C ILE B 174 17.48 0.71 -30.58
N SER B 175 18.41 1.65 -30.71
CA SER B 175 18.20 3.01 -30.23
C SER B 175 17.75 2.97 -28.78
N SER B 176 16.55 3.48 -28.50
CA SER B 176 16.00 3.45 -27.15
C SER B 176 14.73 2.62 -27.07
N TRP B 177 14.49 1.73 -28.04
CA TRP B 177 13.30 0.88 -28.03
C TRP B 177 13.54 -0.35 -27.15
N LEU B 178 13.74 -0.10 -25.86
CA LEU B 178 14.02 -1.16 -24.91
C LEU B 178 13.14 -1.00 -23.67
N ALA B 179 12.53 -2.10 -23.23
CA ALA B 179 11.69 -2.11 -22.04
C ALA B 179 12.26 -3.07 -21.02
N TRP B 180 11.96 -2.80 -19.74
CA TRP B 180 12.33 -3.67 -18.64
C TRP B 180 11.06 -4.16 -17.94
N TYR B 181 10.96 -5.46 -17.72
CA TYR B 181 9.80 -6.06 -17.08
C TYR B 181 10.22 -6.75 -15.78
N GLN B 182 9.33 -6.67 -14.79
CA GLN B 182 9.48 -7.41 -13.54
C GLN B 182 8.42 -8.49 -13.50
N GLN B 183 8.83 -9.72 -13.20
CA GLN B 183 7.89 -10.83 -13.10
C GLN B 183 8.05 -11.52 -11.75
N LYS B 184 6.96 -11.59 -11.00
CA LYS B 184 6.90 -12.39 -9.78
C LYS B 184 6.37 -13.78 -10.09
N PRO B 185 6.70 -14.77 -9.26
CA PRO B 185 6.29 -16.14 -9.59
C PRO B 185 4.79 -16.28 -9.79
N GLY B 186 4.41 -16.90 -10.91
CA GLY B 186 3.01 -17.14 -11.23
C GLY B 186 2.27 -15.96 -11.81
N LYS B 187 2.87 -14.77 -11.83
CA LYS B 187 2.21 -13.55 -12.26
C LYS B 187 2.72 -13.13 -13.65
N ALA B 188 1.91 -12.33 -14.32
CA ALA B 188 2.27 -11.82 -15.63
C ALA B 188 3.39 -10.79 -15.51
N PRO B 189 4.19 -10.62 -16.57
CA PRO B 189 5.19 -9.54 -16.55
C PRO B 189 4.56 -8.18 -16.30
N LYS B 190 5.25 -7.35 -15.54
CA LYS B 190 4.81 -5.99 -15.25
C LYS B 190 5.85 -5.01 -15.80
N LEU B 191 5.38 -4.09 -16.64
CA LEU B 191 6.27 -3.11 -17.23
C LEU B 191 6.78 -2.14 -16.17
N LEU B 192 8.09 -1.95 -16.12
CA LEU B 192 8.72 -0.99 -15.23
C LEU B 192 9.26 0.22 -15.97
N ILE B 193 9.98 0.00 -17.07
CA ILE B 193 10.66 1.07 -17.80
C ILE B 193 10.47 0.81 -19.28
N TYR B 194 10.18 1.86 -20.03
CA TYR B 194 10.10 1.79 -21.48
C TYR B 194 10.87 2.96 -22.08
N LYS B 195 11.15 2.86 -23.38
CA LYS B 195 12.02 3.83 -24.05
C LYS B 195 13.32 3.99 -23.28
N ALA B 196 13.82 2.86 -22.75
CA ALA B 196 15.10 2.76 -22.07
C ALA B 196 15.12 3.41 -20.69
N SER B 197 14.48 4.57 -20.52
CA SER B 197 14.65 5.32 -19.29
C SER B 197 13.36 5.94 -18.73
N THR B 198 12.21 5.72 -19.36
CA THR B 198 10.96 6.31 -18.90
C THR B 198 10.28 5.35 -17.92
N LEU B 199 10.01 5.83 -16.70
CA LEU B 199 9.30 5.02 -15.72
C LEU B 199 7.83 4.92 -16.09
N GLU B 200 7.29 3.70 -16.05
CA GLU B 200 5.85 3.51 -16.17
C GLU B 200 5.14 4.08 -14.96
N SER B 201 3.91 4.53 -15.16
CA SER B 201 3.14 5.13 -14.07
C SER B 201 3.01 4.15 -12.91
N GLY B 202 3.20 4.65 -11.70
CA GLY B 202 3.10 3.84 -10.51
C GLY B 202 4.36 3.10 -10.11
N VAL B 203 5.41 3.17 -10.91
CA VAL B 203 6.66 2.48 -10.58
C VAL B 203 7.46 3.34 -9.61
N PRO B 204 7.91 2.79 -8.47
CA PRO B 204 8.61 3.64 -7.49
C PRO B 204 9.90 4.19 -8.07
N SER B 205 10.30 5.37 -7.58
CA SER B 205 11.41 6.11 -8.15
C SER B 205 12.77 5.47 -7.88
N ARG B 206 12.83 4.42 -7.06
CA ARG B 206 14.11 3.73 -6.87
C ARG B 206 14.54 2.97 -8.13
N PHE B 207 13.63 2.72 -9.06
CA PHE B 207 13.97 2.12 -10.34
C PHE B 207 14.40 3.20 -11.33
N SER B 208 15.46 2.92 -12.07
CA SER B 208 15.93 3.83 -13.11
C SER B 208 16.56 3.00 -14.23
N GLY B 209 16.43 3.51 -15.45
CA GLY B 209 17.01 2.87 -16.61
C GLY B 209 17.92 3.84 -17.36
N SER B 210 18.93 3.29 -18.03
CA SER B 210 19.87 4.09 -18.80
C SER B 210 20.31 3.29 -20.02
N GLY B 211 20.86 4.00 -20.99
CA GLY B 211 21.47 3.37 -22.14
C GLY B 211 20.71 3.66 -23.42
N SER B 212 21.40 3.42 -24.54
CA SER B 212 20.83 3.57 -25.88
C SER B 212 21.77 2.89 -26.86
N GLY B 213 21.20 2.38 -27.95
CA GLY B 213 22.00 1.64 -28.91
C GLY B 213 22.00 0.16 -28.63
N THR B 214 23.04 -0.32 -27.93
CA THR B 214 23.18 -1.75 -27.66
C THR B 214 23.41 -2.10 -26.19
N GLU B 215 23.60 -1.14 -25.30
CA GLU B 215 23.90 -1.43 -23.90
C GLU B 215 22.95 -0.66 -23.00
N PHE B 216 22.29 -1.39 -22.10
CA PHE B 216 21.28 -0.81 -21.22
C PHE B 216 21.45 -1.35 -19.81
N THR B 217 21.08 -0.54 -18.83
CA THR B 217 21.15 -0.93 -17.44
C THR B 217 19.85 -0.57 -16.73
N LEU B 218 19.42 -1.44 -15.81
CA LEU B 218 18.35 -1.13 -14.88
C LEU B 218 18.95 -1.11 -13.49
N THR B 219 18.71 -0.03 -12.76
CA THR B 219 19.26 0.16 -11.43
C THR B 219 18.15 0.29 -10.41
N ILE B 220 18.32 -0.38 -9.28
CA ILE B 220 17.47 -0.23 -8.11
C ILE B 220 18.35 0.41 -7.04
N SER B 221 18.05 1.66 -6.67
CA SER B 221 18.95 2.39 -5.79
C SER B 221 19.08 1.71 -4.45
N SER B 222 17.99 1.16 -3.94
CA SER B 222 17.97 0.51 -2.62
C SER B 222 16.89 -0.55 -2.64
N LEU B 223 17.28 -1.80 -2.46
CA LEU B 223 16.36 -2.91 -2.60
C LEU B 223 15.33 -2.94 -1.49
N GLN B 224 14.08 -3.15 -1.86
CA GLN B 224 12.97 -3.33 -0.94
C GLN B 224 12.42 -4.75 -1.05
N PRO B 225 11.69 -5.23 -0.04
CA PRO B 225 11.21 -6.62 -0.09
C PRO B 225 10.41 -6.93 -1.34
N ASP B 226 9.67 -5.95 -1.86
CA ASP B 226 8.85 -6.15 -3.05
C ASP B 226 9.67 -6.33 -4.32
N ASP B 227 10.95 -6.02 -4.30
CA ASP B 227 11.76 -5.99 -5.51
C ASP B 227 12.35 -7.33 -5.90
N PHE B 228 12.20 -8.37 -5.09
CA PHE B 228 12.80 -9.66 -5.40
C PHE B 228 11.92 -10.38 -6.41
N ALA B 229 12.52 -10.70 -7.56
CA ALA B 229 11.76 -11.15 -8.73
C ALA B 229 12.72 -11.44 -9.88
N THR B 230 12.17 -11.87 -11.01
CA THR B 230 12.95 -12.02 -12.23
C THR B 230 12.70 -10.81 -13.13
N TYR B 231 13.78 -10.23 -13.65
CA TYR B 231 13.68 -9.05 -14.50
C TYR B 231 14.10 -9.41 -15.92
N TYR B 232 13.31 -8.94 -16.88
CA TYR B 232 13.57 -9.18 -18.29
C TYR B 232 13.70 -7.85 -19.01
N CYS B 233 14.71 -7.72 -19.86
CA CYS B 233 14.72 -6.64 -20.84
C CYS B 233 14.14 -7.16 -22.15
N GLN B 234 13.56 -6.25 -22.93
CA GLN B 234 12.93 -6.61 -24.19
C GLN B 234 13.13 -5.48 -25.18
N GLN B 235 13.67 -5.81 -26.35
CA GLN B 235 13.69 -4.86 -27.46
C GLN B 235 12.34 -4.91 -28.17
N TYR B 236 11.78 -3.73 -28.43
CA TYR B 236 10.60 -3.61 -29.28
C TYR B 236 10.88 -2.68 -30.46
N LYS B 237 12.11 -2.76 -31.00
CA LYS B 237 12.41 -2.06 -32.25
C LYS B 237 11.68 -2.71 -33.41
N SER B 238 11.80 -4.03 -33.55
CA SER B 238 11.28 -4.71 -34.74
C SER B 238 10.83 -6.11 -34.37
N TYR B 239 9.77 -6.57 -35.02
CA TYR B 239 9.33 -7.95 -34.91
C TYR B 239 10.38 -8.88 -35.50
N PRO B 240 10.57 -10.09 -34.92
CA PRO B 240 9.97 -10.58 -33.67
C PRO B 240 10.56 -9.92 -32.43
N TRP B 241 9.71 -9.40 -31.55
CA TRP B 241 10.20 -8.91 -30.27
C TRP B 241 10.92 -10.03 -29.54
N THR B 242 12.03 -9.68 -28.89
CA THR B 242 12.88 -10.66 -28.22
C THR B 242 13.20 -10.19 -26.81
N PHE B 243 13.31 -11.16 -25.91
CA PHE B 243 13.57 -10.92 -24.50
C PHE B 243 14.93 -11.47 -24.13
N GLY B 244 15.58 -10.81 -23.17
CA GLY B 244 16.69 -11.44 -22.50
C GLY B 244 16.23 -12.61 -21.66
N GLN B 245 17.17 -13.46 -21.26
CA GLN B 245 16.79 -14.66 -20.52
C GLN B 245 16.55 -14.39 -19.05
N GLY B 246 16.67 -13.14 -18.61
CA GLY B 246 16.23 -12.73 -17.30
C GLY B 246 17.34 -12.73 -16.26
N THR B 247 17.19 -11.86 -15.27
CA THR B 247 18.04 -11.83 -14.09
C THR B 247 17.14 -12.09 -12.87
N LYS B 248 17.42 -13.17 -12.15
CA LYS B 248 16.67 -13.49 -10.93
C LYS B 248 17.34 -12.80 -9.75
N LEU B 249 16.60 -11.92 -9.08
CA LEU B 249 17.09 -11.15 -7.95
C LEU B 249 16.41 -11.69 -6.71
N GLU B 250 17.16 -12.38 -5.86
CA GLU B 250 16.61 -13.06 -4.70
C GLU B 250 17.34 -12.60 -3.44
N ILE B 251 16.72 -12.91 -2.29
CA ILE B 251 17.22 -12.40 -1.02
C ILE B 251 18.48 -13.16 -0.64
N LYS B 252 19.48 -12.42 -0.15
CA LYS B 252 20.72 -13.05 0.29
C LYS B 252 20.47 -13.98 1.47
N ARG B 253 20.97 -15.21 1.37
CA ARG B 253 20.81 -16.19 2.44
C ARG B 253 21.51 -15.70 3.70
N ASP C 16 20.11 -8.33 54.23
CA ASP C 16 20.39 -9.76 54.18
C ASP C 16 20.58 -10.19 52.73
N GLU C 17 21.20 -11.36 52.52
CA GLU C 17 21.40 -11.88 51.18
C GLU C 17 20.14 -12.48 50.55
N LEU C 18 19.12 -12.80 51.35
CA LEU C 18 17.90 -13.33 50.78
C LEU C 18 17.10 -12.28 50.02
N ASP C 19 17.29 -11.00 50.33
CA ASP C 19 16.40 -9.97 49.82
C ASP C 19 17.10 -8.67 49.47
N LYS C 20 18.41 -8.69 49.26
CA LYS C 20 19.10 -7.49 48.82
C LYS C 20 18.65 -7.15 47.41
N ILE C 21 18.27 -5.88 47.19
CA ILE C 21 17.70 -5.45 45.92
C ILE C 21 18.76 -4.74 45.09
N ASP C 22 18.76 -5.03 43.80
CA ASP C 22 19.63 -4.37 42.82
C ASP C 22 18.83 -3.22 42.22
N LEU C 23 19.11 -2.00 42.66
CA LEU C 23 18.33 -0.85 42.26
C LEU C 23 18.48 -0.51 40.79
N SER C 24 19.57 -0.94 40.15
CA SER C 24 19.80 -0.63 38.75
C SER C 24 19.11 -1.61 37.81
N TYR C 25 18.58 -2.73 38.32
CA TYR C 25 17.96 -3.71 37.44
C TYR C 25 16.73 -3.12 36.76
N GLU C 26 16.58 -3.42 35.47
CA GLU C 26 15.51 -2.89 34.64
C GLU C 26 14.99 -3.98 33.73
N THR C 27 13.68 -4.06 33.57
CA THR C 27 13.11 -4.88 32.49
C THR C 27 11.70 -4.39 32.18
N THR C 28 10.98 -5.19 31.39
CA THR C 28 9.61 -4.88 30.98
C THR C 28 8.82 -6.18 30.93
N GLU C 29 7.49 -6.05 30.90
CA GLU C 29 6.65 -7.23 30.81
C GLU C 29 6.93 -8.00 29.54
N SER C 30 7.08 -7.31 28.41
CA SER C 30 7.27 -7.97 27.13
C SER C 30 8.70 -8.46 26.93
N GLY C 31 9.65 -7.92 27.67
CA GLY C 31 11.03 -8.31 27.46
C GLY C 31 11.48 -7.98 26.05
N ASP C 32 12.15 -8.94 25.41
CA ASP C 32 12.62 -8.79 24.04
C ASP C 32 11.70 -9.45 23.02
N THR C 33 10.51 -9.89 23.43
CA THR C 33 9.64 -10.62 22.51
C THR C 33 9.01 -9.73 21.46
N ALA C 34 8.98 -8.41 21.69
CA ALA C 34 8.35 -7.43 20.81
C ALA C 34 6.83 -7.53 20.80
N VAL C 35 6.24 -8.32 21.69
CA VAL C 35 4.79 -8.49 21.77
C VAL C 35 4.23 -7.41 22.67
N SER C 36 3.13 -6.79 22.24
CA SER C 36 2.42 -5.84 23.07
C SER C 36 1.33 -6.56 23.89
N GLU C 37 0.91 -5.89 24.97
CA GLU C 37 0.08 -6.58 25.96
C GLU C 37 -1.27 -7.00 25.39
N ASP C 38 -1.81 -6.24 24.43
CA ASP C 38 -3.06 -6.64 23.81
C ASP C 38 -2.94 -7.96 23.07
N SER C 39 -1.72 -8.42 22.81
CA SER C 39 -1.49 -9.71 22.17
C SER C 39 -0.93 -10.76 23.13
N TYR C 40 -0.81 -10.44 24.42
CA TYR C 40 -0.48 -11.47 25.39
C TYR C 40 -1.59 -12.52 25.41
N ASP C 41 -1.21 -13.77 25.66
CA ASP C 41 -2.18 -14.80 25.99
C ASP C 41 -2.43 -14.70 27.50
N LYS C 42 -3.54 -14.05 27.87
CA LYS C 42 -3.85 -13.77 29.26
C LYS C 42 -4.79 -14.84 29.79
N TYR C 43 -4.56 -15.26 31.04
CA TYR C 43 -5.40 -16.26 31.68
C TYR C 43 -5.29 -16.12 33.18
N ALA C 44 -6.33 -16.60 33.87
CA ALA C 44 -6.38 -16.53 35.32
C ALA C 44 -5.58 -17.66 35.96
N SER C 45 -5.10 -17.41 37.17
CA SER C 45 -4.53 -18.48 37.98
C SER C 45 -5.59 -19.54 38.26
N ASN C 46 -5.14 -20.77 38.51
CA ASN C 46 -6.02 -21.86 38.89
C ASN C 46 -6.16 -21.84 40.41
N ASN C 47 -7.36 -21.50 40.88
CA ASN C 47 -7.60 -21.20 42.29
C ASN C 47 -8.40 -22.34 42.91
N THR C 48 -7.86 -22.90 43.99
CA THR C 48 -8.52 -23.97 44.73
C THR C 48 -8.45 -23.59 46.21
N ASN C 49 -9.62 -23.46 46.84
CA ASN C 49 -9.72 -23.02 48.23
C ASN C 49 -9.05 -21.65 48.33
N LYS C 50 -7.98 -21.50 49.11
CA LYS C 50 -7.26 -20.23 49.21
C LYS C 50 -5.84 -20.32 48.65
N GLU C 51 -5.62 -21.21 47.69
CA GLU C 51 -4.34 -21.30 46.98
C GLU C 51 -4.54 -20.94 45.52
N TYR C 52 -3.87 -19.89 45.07
CA TYR C 52 -3.94 -19.43 43.69
C TYR C 52 -2.64 -19.82 43.00
N VAL C 53 -2.72 -20.65 41.97
CA VAL C 53 -1.55 -21.31 41.40
C VAL C 53 -1.36 -20.85 39.96
N CYS C 54 -0.14 -20.43 39.63
CA CYS C 54 0.30 -20.21 38.26
C CYS C 54 1.34 -21.28 37.93
N ASP C 55 0.96 -22.23 37.08
CA ASP C 55 1.82 -23.36 36.73
C ASP C 55 2.27 -23.21 35.28
N PHE C 56 3.58 -23.00 35.09
CA PHE C 56 4.16 -22.80 33.76
C PHE C 56 4.76 -24.07 33.19
N THR C 57 4.55 -25.23 33.83
CA THR C 57 5.26 -26.43 33.43
C THR C 57 5.03 -26.79 31.96
N ASP C 58 3.86 -26.47 31.43
CA ASP C 58 3.51 -26.84 30.06
C ASP C 58 3.19 -25.64 29.18
N GLN C 59 3.42 -24.43 29.69
CA GLN C 59 3.04 -23.21 28.98
C GLN C 59 4.16 -22.62 28.14
N LEU C 60 5.41 -23.01 28.39
CA LEU C 60 6.57 -22.34 27.81
C LEU C 60 7.38 -23.18 26.86
N LYS C 61 6.95 -24.41 26.56
CA LYS C 61 7.70 -25.24 25.62
C LYS C 61 7.78 -24.55 24.27
N PRO C 62 8.89 -24.71 23.54
CA PRO C 62 9.04 -24.03 22.26
C PRO C 62 8.07 -24.56 21.20
N THR C 63 7.55 -23.63 20.40
CA THR C 63 6.73 -23.96 19.23
C THR C 63 7.16 -23.06 18.08
N GLU C 64 6.80 -23.46 16.86
CA GLU C 64 7.12 -22.65 15.69
C GLU C 64 6.61 -21.23 15.86
N SER C 65 5.46 -21.07 16.51
CA SER C 65 4.83 -19.76 16.68
C SER C 65 5.56 -18.87 17.68
N GLY C 66 6.48 -19.43 18.45
CA GLY C 66 7.10 -18.72 19.54
C GLY C 66 7.99 -17.59 19.09
N PRO C 67 8.33 -16.67 20.00
CA PRO C 67 7.87 -16.66 21.39
C PRO C 67 6.56 -15.90 21.60
N LYS C 68 5.63 -16.51 22.32
CA LYS C 68 4.44 -15.81 22.80
C LYS C 68 4.68 -15.37 24.25
N VAL C 69 3.80 -14.49 24.72
CA VAL C 69 3.81 -14.06 26.11
C VAL C 69 2.63 -14.74 26.79
N LYS C 70 2.92 -15.50 27.85
CA LYS C 70 1.90 -16.19 28.64
C LYS C 70 1.77 -15.43 29.95
N LYS C 71 0.65 -14.75 30.14
CA LYS C 71 0.42 -13.90 31.29
C LYS C 71 -0.59 -14.56 32.22
N CYS C 72 -0.11 -15.02 33.37
CA CYS C 72 -0.98 -15.61 34.39
C CYS C 72 -1.40 -14.50 35.35
N GLU C 73 -2.70 -14.25 35.42
CA GLU C 73 -3.24 -13.13 36.18
C GLU C 73 -3.75 -13.63 37.53
N VAL C 74 -3.14 -13.15 38.60
CA VAL C 74 -3.52 -13.49 39.96
C VAL C 74 -4.26 -12.29 40.53
N LYS C 75 -5.57 -12.42 40.72
CA LYS C 75 -6.40 -11.33 41.21
C LYS C 75 -6.93 -11.67 42.60
N VAL C 76 -6.55 -10.86 43.58
CA VAL C 76 -6.82 -11.12 44.99
C VAL C 76 -7.64 -9.97 45.54
N ASN C 77 -8.82 -10.27 46.06
CA ASN C 77 -9.57 -9.30 46.86
C ASN C 77 -10.20 -10.01 48.06
N GLU C 78 -9.53 -11.02 48.59
CA GLU C 78 -9.94 -11.76 49.78
C GLU C 78 -8.71 -11.99 50.65
N PRO C 79 -8.91 -12.22 51.95
CA PRO C 79 -7.75 -12.35 52.85
C PRO C 79 -7.10 -13.72 52.83
N LEU C 80 -5.81 -13.72 53.19
CA LEU C 80 -5.07 -14.95 53.51
C LEU C 80 -4.99 -15.89 52.32
N ILE C 81 -4.84 -15.31 51.13
CA ILE C 81 -4.66 -16.11 49.92
C ILE C 81 -3.19 -16.50 49.81
N LYS C 82 -2.95 -17.79 49.56
CA LYS C 82 -1.61 -18.29 49.29
C LYS C 82 -1.40 -18.31 47.79
N VAL C 83 -0.32 -17.68 47.34
CA VAL C 83 0.03 -17.59 45.93
C VAL C 83 1.21 -18.54 45.68
N LYS C 84 1.04 -19.44 44.72
CA LYS C 84 2.04 -20.44 44.36
C LYS C 84 2.37 -20.30 42.89
N ILE C 85 3.66 -20.23 42.57
CA ILE C 85 4.13 -20.05 41.20
C ILE C 85 5.15 -21.15 40.91
N ILE C 86 4.95 -21.87 39.82
CA ILE C 86 5.81 -22.98 39.42
C ILE C 86 6.43 -22.64 38.08
N CYS C 87 7.76 -22.63 38.02
CA CYS C 87 8.52 -22.32 36.81
C CYS C 87 9.41 -23.51 36.48
N PRO C 88 9.28 -24.12 35.29
CA PRO C 88 10.07 -25.34 35.02
C PRO C 88 11.57 -25.02 35.06
N LEU C 89 12.34 -26.02 35.48
CA LEU C 89 13.76 -25.83 35.73
C LEU C 89 14.57 -26.16 34.49
N LYS C 90 15.65 -25.40 34.28
CA LYS C 90 16.61 -25.72 33.23
C LYS C 90 17.03 -27.17 33.35
N GLY C 91 16.99 -27.88 32.22
CA GLY C 91 17.37 -29.28 32.20
C GLY C 91 16.37 -30.23 32.83
N SER C 92 15.29 -29.72 33.45
CA SER C 92 14.26 -30.61 33.96
C SER C 92 13.73 -31.52 32.86
N VAL C 93 13.74 -31.05 31.62
CA VAL C 93 13.47 -31.87 30.44
C VAL C 93 14.50 -31.48 29.40
N GLU C 94 15.09 -32.48 28.74
CA GLU C 94 16.21 -32.21 27.86
C GLU C 94 15.83 -31.24 26.76
N LYS C 95 16.66 -30.21 26.58
CA LYS C 95 16.59 -29.33 25.40
C LYS C 95 15.53 -28.24 25.55
N LEU C 96 14.38 -28.57 26.14
CA LEU C 96 13.24 -27.68 26.11
C LEU C 96 13.39 -26.45 27.01
N TYR C 97 14.28 -26.48 28.00
CA TYR C 97 14.42 -25.35 28.93
C TYR C 97 15.88 -24.99 29.14
N ASP C 98 16.74 -25.27 28.15
CA ASP C 98 18.17 -25.07 28.32
C ASP C 98 18.53 -23.62 28.60
N ASN C 99 17.68 -22.67 28.23
CA ASN C 99 17.98 -21.25 28.40
C ASN C 99 16.89 -20.51 29.15
N ILE C 100 16.21 -21.19 30.07
CA ILE C 100 15.14 -20.55 30.82
C ILE C 100 15.76 -19.69 31.92
N GLU C 101 15.17 -18.52 32.14
CA GLU C 101 15.55 -17.63 33.22
C GLU C 101 14.30 -17.24 34.00
N TYR C 102 14.49 -16.95 35.29
CA TYR C 102 13.43 -16.45 36.14
C TYR C 102 13.89 -15.15 36.80
N VAL C 103 12.93 -14.24 37.00
CA VAL C 103 13.22 -12.92 37.54
C VAL C 103 12.07 -12.50 38.45
N PRO C 104 12.35 -11.87 39.60
CA PRO C 104 13.68 -11.68 40.19
C PRO C 104 14.30 -12.99 40.66
N LYS C 105 15.63 -13.06 40.64
CA LYS C 105 16.33 -14.25 41.12
C LYS C 105 15.98 -14.57 42.56
N LYS C 106 15.71 -13.54 43.38
CA LYS C 106 15.42 -13.72 44.79
C LYS C 106 13.92 -13.68 45.09
N SER C 107 13.10 -14.01 44.10
CA SER C 107 11.68 -14.19 44.36
C SER C 107 11.51 -15.25 45.44
N PRO C 108 10.50 -15.12 46.32
CA PRO C 108 9.48 -14.08 46.37
C PRO C 108 9.81 -12.88 47.25
N TYR C 109 10.98 -12.88 47.91
CA TYR C 109 11.34 -11.75 48.75
C TYR C 109 11.47 -10.48 47.93
N VAL C 110 11.99 -10.59 46.71
CA VAL C 110 12.10 -9.48 45.78
C VAL C 110 11.15 -9.74 44.63
N VAL C 111 10.37 -8.73 44.27
CA VAL C 111 9.42 -8.79 43.18
C VAL C 111 9.67 -7.61 42.25
N LEU C 112 8.93 -7.58 41.14
CA LEU C 112 9.00 -6.48 40.20
C LEU C 112 7.75 -5.64 40.31
N THR C 113 7.92 -4.32 40.31
CA THR C 113 6.82 -3.39 40.23
C THR C 113 7.10 -2.38 39.13
N LYS C 114 6.03 -1.79 38.61
CA LYS C 114 6.15 -0.81 37.55
C LYS C 114 6.45 0.57 38.16
N GLU C 115 7.63 1.10 37.84
CA GLU C 115 8.02 2.47 38.21
C GLU C 115 8.22 3.23 36.90
N GLU C 116 7.49 4.35 36.75
CA GLU C 116 7.41 5.03 35.45
C GLU C 116 6.79 4.04 34.47
N THR C 117 7.54 3.45 33.54
CA THR C 117 6.97 2.42 32.67
C THR C 117 7.79 1.14 32.58
N LYS C 118 8.74 0.92 33.49
CA LYS C 118 9.53 -0.30 33.48
C LYS C 118 9.36 -1.05 34.79
N LEU C 119 9.74 -2.33 34.76
CA LEU C 119 9.71 -3.18 35.95
C LEU C 119 11.04 -3.09 36.68
N LYS C 120 10.97 -2.79 37.97
CA LYS C 120 12.14 -2.66 38.82
C LYS C 120 11.92 -3.42 40.11
N GLU C 121 13.02 -3.77 40.77
CA GLU C 121 12.96 -4.64 41.93
C GLU C 121 12.37 -3.92 43.14
N LYS C 122 11.63 -4.66 43.94
CA LYS C 122 10.98 -4.12 45.13
C LYS C 122 10.93 -5.20 46.20
N LEU C 123 11.16 -4.80 47.45
CA LEU C 123 10.98 -5.71 48.58
C LEU C 123 9.48 -5.98 48.78
N LEU C 124 9.07 -7.25 48.66
CA LEU C 124 7.66 -7.55 48.76
C LEU C 124 7.11 -7.24 50.15
N SER C 125 7.94 -7.45 51.19
CA SER C 125 7.49 -7.20 52.55
C SER C 125 7.32 -5.72 52.83
N LYS C 126 8.03 -4.86 52.10
CA LYS C 126 7.81 -3.42 52.20
C LYS C 126 6.56 -3.00 51.45
N LEU C 127 6.17 -3.78 50.43
CA LEU C 127 4.99 -3.47 49.65
C LEU C 127 3.71 -3.86 50.37
N ILE C 128 3.74 -4.98 51.09
CA ILE C 128 2.55 -5.55 51.73
C ILE C 128 2.93 -5.93 53.15
N TYR C 129 2.55 -5.09 54.11
CA TYR C 129 2.82 -5.41 55.50
C TYR C 129 2.07 -6.66 55.92
N GLY C 130 2.73 -7.50 56.72
CA GLY C 130 2.13 -8.70 57.25
C GLY C 130 2.16 -9.89 56.33
N LEU C 131 2.70 -9.74 55.12
CA LEU C 131 2.78 -10.83 54.17
C LEU C 131 3.74 -11.90 54.68
N LEU C 132 3.40 -13.17 54.45
CA LEU C 132 4.10 -14.29 55.04
C LEU C 132 4.90 -15.03 53.97
N ILE C 133 6.23 -14.98 54.09
CA ILE C 133 7.12 -15.76 53.25
C ILE C 133 7.79 -16.80 54.14
N SER C 134 7.44 -18.06 53.95
CA SER C 134 8.09 -19.14 54.68
C SER C 134 9.46 -19.44 54.08
N PRO C 135 10.42 -19.88 54.88
CA PRO C 135 11.75 -20.18 54.31
C PRO C 135 11.74 -21.33 53.33
N THR C 136 10.81 -22.28 53.45
CA THR C 136 10.85 -23.48 52.62
C THR C 136 9.50 -23.73 51.94
N VAL C 137 9.57 -24.51 50.87
CA VAL C 137 8.40 -25.06 50.18
C VAL C 137 8.71 -26.52 49.89
N ASN C 138 7.82 -27.42 50.30
CA ASN C 138 8.05 -28.86 50.12
C ASN C 138 9.41 -29.27 50.67
N GLU C 139 9.79 -28.66 51.79
CA GLU C 139 11.03 -29.00 52.49
C GLU C 139 12.27 -28.69 51.65
N LYS C 140 12.14 -27.71 50.75
CA LYS C 140 13.26 -27.17 49.97
C LYS C 140 13.22 -25.66 50.09
N GLU C 141 14.28 -25.00 49.63
CA GLU C 141 14.34 -23.54 49.72
C GLU C 141 13.21 -22.91 48.92
N ASN C 142 12.63 -21.84 49.47
CA ASN C 142 11.55 -21.10 48.81
C ASN C 142 12.19 -20.14 47.81
N ASN C 143 12.47 -20.68 46.63
CA ASN C 143 13.23 -19.97 45.60
C ASN C 143 13.03 -20.70 44.29
N PHE C 144 12.96 -19.94 43.19
CA PHE C 144 12.73 -20.55 41.89
C PHE C 144 13.80 -21.58 41.52
N LYS C 145 14.99 -21.50 42.14
CA LYS C 145 16.02 -22.49 41.87
C LYS C 145 15.53 -23.91 42.17
N GLU C 146 14.53 -24.04 43.05
CA GLU C 146 13.93 -25.33 43.37
C GLU C 146 12.64 -25.58 42.61
N GLY C 147 12.21 -24.66 41.75
CA GLY C 147 11.11 -24.87 40.85
C GLY C 147 9.81 -24.18 41.23
N VAL C 148 9.70 -23.64 42.45
CA VAL C 148 8.43 -23.11 42.93
C VAL C 148 8.70 -22.11 44.04
N ILE C 149 7.86 -21.08 44.11
CA ILE C 149 7.85 -20.15 45.22
C ILE C 149 6.42 -20.03 45.74
N GLU C 150 6.31 -19.66 47.02
CA GLU C 150 5.02 -19.48 47.67
C GLU C 150 5.09 -18.29 48.62
N PHE C 151 3.95 -17.62 48.77
CA PHE C 151 3.77 -16.62 49.82
C PHE C 151 2.29 -16.53 50.13
N THR C 152 1.99 -16.03 51.32
CA THR C 152 0.62 -15.91 51.80
C THR C 152 0.32 -14.44 52.09
N LEU C 153 -0.70 -13.91 51.43
CA LEU C 153 -1.08 -12.52 51.63
C LEU C 153 -1.79 -12.37 52.98
N PRO C 154 -1.73 -11.18 53.57
CA PRO C 154 -2.19 -11.03 54.95
C PRO C 154 -3.70 -10.92 55.03
N PRO C 155 -4.24 -10.79 56.24
CA PRO C 155 -5.69 -10.60 56.37
C PRO C 155 -6.17 -9.21 55.96
N VAL C 156 -5.28 -8.27 55.69
CA VAL C 156 -5.67 -6.89 55.41
C VAL C 156 -4.65 -6.26 54.47
N VAL C 157 -5.14 -5.54 53.47
CA VAL C 157 -4.31 -4.79 52.53
C VAL C 157 -4.99 -3.45 52.29
N HIS C 158 -4.27 -2.36 52.54
CA HIS C 158 -4.89 -1.04 52.51
C HIS C 158 -4.95 -0.42 51.12
N LYS C 159 -3.99 -0.71 50.26
CA LYS C 159 -3.88 -0.06 48.97
C LYS C 159 -3.77 -1.09 47.85
N ALA C 160 -4.39 -0.79 46.71
CA ALA C 160 -4.21 -1.64 45.53
C ALA C 160 -2.72 -1.76 45.23
N THR C 161 -2.29 -2.98 44.91
CA THR C 161 -0.88 -3.32 44.80
C THR C 161 -0.70 -4.28 43.64
N VAL C 162 0.28 -4.01 42.78
CA VAL C 162 0.53 -4.83 41.60
C VAL C 162 2.03 -5.10 41.50
N PHE C 163 2.40 -6.38 41.37
CA PHE C 163 3.79 -6.78 41.26
C PHE C 163 3.87 -8.02 40.39
N TYR C 164 5.08 -8.33 39.92
CA TYR C 164 5.24 -9.28 38.83
C TYR C 164 6.37 -10.27 39.09
N PHE C 165 6.26 -11.44 38.46
CA PHE C 165 7.33 -12.39 38.33
C PHE C 165 7.48 -12.76 36.86
N ILE C 166 8.71 -13.06 36.44
CA ILE C 166 9.00 -13.46 35.07
C ILE C 166 9.61 -14.87 35.08
N CYS C 167 9.07 -15.74 34.23
CA CYS C 167 9.61 -17.09 33.99
C CYS C 167 9.73 -17.19 32.46
N ASP C 168 10.91 -16.85 31.94
CA ASP C 168 11.08 -16.53 30.52
C ASP C 168 11.91 -17.62 29.84
N ASN C 169 11.25 -18.39 28.97
CA ASN C 169 11.90 -19.43 28.19
C ASN C 169 12.09 -19.02 26.73
N SER C 170 12.03 -17.71 26.44
CA SER C 170 12.02 -17.25 25.05
C SER C 170 13.39 -17.35 24.40
N LYS C 171 14.46 -17.45 25.19
CA LYS C 171 15.81 -17.60 24.64
C LYS C 171 16.21 -19.06 24.46
N THR C 172 15.31 -20.00 24.76
CA THR C 172 15.56 -21.42 24.52
C THR C 172 15.14 -21.74 23.08
N GLU C 173 16.08 -22.26 22.30
CA GLU C 173 15.83 -22.58 20.90
C GLU C 173 15.96 -24.08 20.68
N ASP C 174 15.07 -24.63 19.86
CA ASP C 174 15.05 -26.06 19.55
C ASP C 174 14.49 -26.18 18.14
N ASP C 175 15.36 -26.42 17.17
CA ASP C 175 14.98 -26.37 15.76
C ASP C 175 14.54 -24.92 15.47
N ASN C 176 13.58 -24.74 14.57
CA ASN C 176 13.06 -23.41 14.27
C ASN C 176 12.18 -22.85 15.38
N LYS C 177 11.98 -23.60 16.46
CA LYS C 177 11.04 -23.24 17.51
C LYS C 177 11.72 -22.43 18.62
N LYS C 178 10.94 -21.56 19.26
CA LYS C 178 11.39 -20.79 20.40
C LYS C 178 10.38 -20.91 21.53
N GLY C 179 10.88 -20.90 22.76
CA GLY C 179 10.02 -20.94 23.93
C GLY C 179 9.30 -19.63 24.14
N ASN C 180 8.43 -19.63 25.16
CA ASN C 180 7.58 -18.48 25.46
C ASN C 180 8.09 -17.77 26.72
N ARG C 181 7.66 -16.53 26.87
CA ARG C 181 7.95 -15.72 28.05
C ARG C 181 6.74 -15.72 28.96
N GLY C 182 6.89 -16.28 30.16
CA GLY C 182 5.81 -16.30 31.13
C GLY C 182 5.88 -15.12 32.07
N ILE C 183 4.72 -14.49 32.29
CA ILE C 183 4.59 -13.40 33.25
C ILE C 183 3.53 -13.80 34.27
N VAL C 184 3.79 -13.47 35.53
CA VAL C 184 2.77 -13.50 36.57
C VAL C 184 2.53 -12.06 36.98
N GLU C 185 1.27 -11.63 36.94
CA GLU C 185 0.85 -10.33 37.44
C GLU C 185 -0.05 -10.59 38.64
N VAL C 186 0.42 -10.22 39.83
CA VAL C 186 -0.36 -10.31 41.05
C VAL C 186 -0.98 -8.95 41.32
N TYR C 187 -2.30 -8.88 41.25
CA TYR C 187 -3.06 -7.64 41.37
C TYR C 187 -3.89 -7.77 42.64
N VAL C 188 -3.45 -7.12 43.71
CA VAL C 188 -4.11 -7.18 45.01
C VAL C 188 -4.96 -5.93 45.16
N GLU C 189 -6.26 -6.11 45.23
CA GLU C 189 -7.16 -5.01 45.54
C GLU C 189 -7.29 -4.88 47.04
N PRO C 190 -7.66 -3.69 47.53
CA PRO C 190 -7.80 -3.52 48.98
C PRO C 190 -8.88 -4.43 49.54
N TYR C 191 -8.61 -4.96 50.74
CA TYR C 191 -9.57 -5.82 51.42
C TYR C 191 -9.28 -5.81 52.91
N GLY C 192 -10.34 -5.93 53.70
CA GLY C 192 -10.23 -5.92 55.14
C GLY C 192 -10.07 -4.53 55.70
N ASN C 193 -10.02 -4.45 57.03
CA ASN C 193 -9.79 -3.18 57.70
C ASN C 193 -8.75 -3.33 58.81
N LYS C 194 -9.08 -4.10 59.85
CA LYS C 194 -8.22 -4.25 60.99
C LYS C 194 -8.38 -5.64 61.59
N ILE C 195 -7.26 -6.27 61.93
CA ILE C 195 -7.25 -7.62 62.45
C ILE C 195 -7.67 -7.59 63.93
N ASN C 196 -8.73 -8.32 64.26
CA ASN C 196 -9.08 -8.48 65.68
C ASN C 196 -7.91 -9.14 66.40
N GLY C 197 -7.40 -8.46 67.40
CA GLY C 197 -6.22 -8.92 68.11
C GLY C 197 -5.43 -7.73 68.61
N CYS C 198 -4.12 -7.96 68.79
CA CYS C 198 -3.29 -6.97 69.47
C CYS C 198 -1.90 -6.95 68.85
N ALA C 199 -1.34 -5.75 68.74
CA ALA C 199 0.04 -5.54 68.34
C ALA C 199 0.82 -5.07 69.56
N PHE C 200 1.83 -5.84 69.94
CA PHE C 200 2.64 -5.54 71.13
C PHE C 200 3.82 -4.69 70.70
N LEU C 201 3.73 -3.39 70.97
CA LEU C 201 4.69 -2.43 70.44
C LEU C 201 5.68 -2.00 71.52
N GLU C 221 6.47 2.97 58.72
CA GLU C 221 6.96 1.63 59.02
C GLU C 221 6.39 1.15 60.35
N LYS C 222 6.58 1.98 61.38
CA LYS C 222 5.91 1.77 62.67
C LYS C 222 4.43 2.09 62.57
N ILE C 223 4.08 3.08 61.74
CA ILE C 223 2.69 3.42 61.50
C ILE C 223 1.94 2.24 60.92
N LYS C 224 2.59 1.46 60.06
CA LYS C 224 1.93 0.27 59.53
C LYS C 224 1.57 -0.68 60.67
N MET C 225 2.47 -0.82 61.65
CA MET C 225 2.19 -1.69 62.79
C MET C 225 1.01 -1.16 63.60
N LYS C 226 0.93 0.15 63.79
CA LYS C 226 -0.07 0.69 64.71
C LYS C 226 -1.48 0.71 64.13
N THR C 227 -1.63 0.59 62.81
CA THR C 227 -2.93 0.66 62.17
C THR C 227 -3.46 -0.70 61.75
N PHE C 228 -2.69 -1.77 61.98
CA PHE C 228 -2.99 -3.08 61.43
C PHE C 228 -3.85 -3.93 62.37
N PHE C 229 -3.79 -3.67 63.68
CA PHE C 229 -4.52 -4.45 64.66
C PHE C 229 -5.48 -3.56 65.44
N THR C 230 -6.57 -4.16 65.91
CA THR C 230 -7.60 -3.39 66.60
C THR C 230 -7.09 -2.82 67.92
N GLN C 231 -6.16 -3.52 68.57
CA GLN C 231 -5.63 -3.13 69.86
C GLN C 231 -4.12 -3.03 69.77
N ASN C 232 -3.56 -1.94 70.28
CA ASN C 232 -2.11 -1.76 70.38
C ASN C 232 -1.74 -1.80 71.86
N ILE C 233 -0.91 -2.76 72.22
CA ILE C 233 -0.41 -2.89 73.59
C ILE C 233 1.00 -2.29 73.60
N TYR C 234 1.10 -1.06 74.08
CA TYR C 234 2.39 -0.39 74.19
C TYR C 234 3.11 -0.85 75.46
N LYS C 235 4.43 -0.87 75.38
CA LYS C 235 5.25 -1.48 76.42
C LYS C 235 4.79 -1.12 77.82
N LYS C 236 4.47 -2.15 78.60
CA LYS C 236 4.08 -2.01 80.00
C LYS C 236 5.00 -2.90 80.82
N ASN C 237 5.18 -2.55 82.09
CA ASN C 237 6.05 -3.33 82.96
C ASN C 237 5.27 -4.23 83.92
N ASN C 238 4.09 -4.69 83.51
CA ASN C 238 3.26 -5.51 84.39
C ASN C 238 2.61 -6.62 83.56
N ILE C 239 1.67 -7.32 84.17
CA ILE C 239 0.82 -8.28 83.48
C ILE C 239 -0.39 -7.53 82.91
N TYR C 240 -0.44 -7.39 81.59
CA TYR C 240 -1.48 -6.59 80.95
C TYR C 240 -2.30 -7.44 80.00
N PRO C 241 -3.60 -7.15 79.83
CA PRO C 241 -4.45 -8.02 79.01
C PRO C 241 -4.72 -7.54 77.59
N CYS C 242 -4.39 -8.39 76.62
CA CYS C 242 -4.90 -8.27 75.26
C CYS C 242 -6.18 -9.09 75.10
N TYR C 243 -7.15 -8.53 74.37
CA TYR C 243 -8.43 -9.20 74.14
C TYR C 243 -8.65 -9.38 72.64
N MET C 244 -8.90 -10.63 72.23
CA MET C 244 -9.19 -10.96 70.83
C MET C 244 -10.58 -11.58 70.77
N LYS C 245 -11.56 -10.80 70.34
CA LYS C 245 -12.94 -11.25 70.24
C LYS C 245 -13.25 -11.65 68.80
N LEU C 246 -13.73 -12.89 68.62
CA LEU C 246 -13.91 -13.47 67.30
C LEU C 246 -15.27 -14.12 67.17
N TYR C 247 -15.71 -14.27 65.92
CA TYR C 247 -16.93 -14.96 65.58
C TYR C 247 -16.67 -15.88 64.39
N SER C 248 -17.65 -16.72 64.08
CA SER C 248 -17.55 -17.62 62.94
C SER C 248 -17.15 -16.86 61.69
N GLY C 249 -16.07 -17.30 61.05
CA GLY C 249 -15.58 -16.68 59.85
C GLY C 249 -14.54 -15.60 60.07
N ASP C 250 -14.34 -15.18 61.33
CA ASP C 250 -13.45 -14.06 61.60
C ASP C 250 -11.98 -14.48 61.51
N ILE C 251 -11.14 -13.49 61.26
CA ILE C 251 -9.69 -13.63 61.35
C ILE C 251 -9.20 -12.82 62.53
N GLY C 252 -8.33 -13.41 63.34
CA GLY C 252 -7.61 -12.68 64.35
C GLY C 252 -6.12 -12.88 64.15
N GLY C 253 -5.34 -12.16 64.95
CA GLY C 253 -3.90 -12.32 64.89
C GLY C 253 -3.24 -11.53 65.99
N ILE C 254 -1.94 -11.73 66.12
CA ILE C 254 -1.13 -11.08 67.14
C ILE C 254 0.21 -10.71 66.52
N LEU C 255 0.64 -9.48 66.73
CA LEU C 255 2.02 -9.09 66.45
C LEU C 255 2.78 -9.23 67.77
N PHE C 256 3.57 -10.29 67.89
CA PHE C 256 4.16 -10.62 69.16
C PHE C 256 5.29 -9.65 69.51
N PRO C 257 5.53 -9.44 70.80
CA PRO C 257 6.60 -8.52 71.20
C PRO C 257 7.94 -8.91 70.61
N LYS C 258 8.82 -7.91 70.52
CA LYS C 258 10.14 -8.13 69.99
C LYS C 258 10.93 -9.08 70.86
N ASN C 259 10.85 -8.91 72.18
CA ASN C 259 11.62 -9.65 73.16
C ASN C 259 10.96 -10.94 73.62
N ILE C 260 10.07 -11.52 72.80
CA ILE C 260 9.36 -12.71 73.24
C ILE C 260 10.35 -13.82 73.61
N LYS C 261 10.12 -14.43 74.77
CA LYS C 261 10.83 -15.62 75.21
C LYS C 261 10.00 -16.88 74.97
N SER C 262 8.73 -16.86 75.36
CA SER C 262 7.86 -18.00 75.31
C SER C 262 6.42 -17.54 75.17
N THR C 263 5.61 -18.35 74.52
CA THR C 263 4.19 -18.08 74.40
C THR C 263 3.46 -19.40 74.26
N THR C 264 2.29 -19.50 74.88
CA THR C 264 1.38 -20.62 74.70
C THR C 264 0.34 -20.33 73.63
N CYS C 265 0.38 -19.16 73.03
CA CYS C 265 -0.47 -18.83 71.89
C CYS C 265 0.17 -19.43 70.63
N PHE C 266 -0.48 -20.41 69.98
CA PHE C 266 -1.83 -20.87 70.26
C PHE C 266 -1.83 -22.40 70.37
N GLU C 267 -0.67 -22.96 70.70
CA GLU C 267 -0.53 -24.41 70.77
C GLU C 267 -0.96 -24.98 72.12
N GLU C 268 -1.08 -24.15 73.16
CA GLU C 268 -1.38 -24.62 74.50
C GLU C 268 -2.40 -23.67 75.15
N MET C 269 -3.60 -23.66 74.57
CA MET C 269 -4.68 -22.83 75.09
C MET C 269 -5.31 -23.49 76.32
N ILE C 270 -5.83 -22.65 77.22
CA ILE C 270 -6.60 -23.11 78.37
C ILE C 270 -8.01 -22.55 78.24
N PRO C 271 -9.04 -23.40 78.08
CA PRO C 271 -10.41 -22.90 78.09
C PRO C 271 -10.89 -22.60 79.50
N TYR C 272 -11.64 -21.51 79.64
CA TYR C 272 -12.32 -21.17 80.88
C TYR C 272 -13.80 -20.90 80.56
N ASN C 273 -14.60 -20.81 81.62
CA ASN C 273 -16.06 -20.90 81.52
C ASN C 273 -16.39 -22.35 81.16
N LYS C 274 -17.50 -22.85 81.69
CA LYS C 274 -17.75 -24.30 81.74
C LYS C 274 -18.84 -24.74 80.78
N GLU C 275 -18.66 -24.45 79.49
CA GLU C 275 -19.61 -24.92 78.48
C GLU C 275 -19.63 -26.45 78.42
N ILE C 276 -18.46 -27.08 78.24
CA ILE C 276 -18.35 -28.52 78.06
C ILE C 276 -17.17 -29.03 78.86
N LYS C 277 -17.05 -30.36 78.94
CA LYS C 277 -15.93 -30.99 79.62
C LYS C 277 -14.68 -30.87 78.77
N TRP C 278 -13.52 -30.78 79.42
CA TRP C 278 -12.26 -30.49 78.75
C TRP C 278 -11.30 -31.65 78.93
N ASN C 279 -10.87 -32.26 77.81
CA ASN C 279 -9.67 -33.07 77.77
C ASN C 279 -8.47 -32.13 77.76
N LYS C 280 -7.61 -32.24 78.77
CA LYS C 280 -6.52 -31.30 78.96
C LYS C 280 -5.46 -31.40 77.88
N GLU C 281 -5.45 -32.49 77.09
CA GLU C 281 -4.52 -32.60 75.98
C GLU C 281 -5.04 -31.95 74.70
N ASN C 282 -6.34 -31.64 74.64
CA ASN C 282 -6.92 -30.91 73.51
C ASN C 282 -6.73 -29.42 73.77
N LYS C 283 -5.49 -28.95 73.59
CA LYS C 283 -5.10 -27.63 74.02
C LYS C 283 -4.82 -26.65 72.89
N SER C 284 -4.44 -27.11 71.71
CA SER C 284 -4.24 -26.18 70.61
C SER C 284 -5.59 -25.66 70.10
N LEU C 285 -5.55 -24.47 69.48
CA LEU C 285 -6.75 -23.97 68.82
C LEU C 285 -7.29 -24.98 67.81
N GLY C 286 -6.38 -25.68 67.12
CA GLY C 286 -6.81 -26.76 66.25
C GLY C 286 -7.61 -27.82 66.97
N ASN C 287 -7.12 -28.26 68.13
CA ASN C 287 -7.83 -29.28 68.89
C ASN C 287 -9.19 -28.78 69.36
N LEU C 288 -9.27 -27.51 69.73
CA LEU C 288 -10.48 -26.96 70.35
C LEU C 288 -11.50 -26.48 69.34
N VAL C 289 -11.05 -26.06 68.15
CA VAL C 289 -11.93 -25.49 67.14
C VAL C 289 -11.65 -26.25 65.85
N ASN C 290 -12.49 -27.24 65.53
CA ASN C 290 -12.28 -28.05 64.35
C ASN C 290 -12.23 -27.19 63.10
N ASN C 291 -11.22 -27.44 62.27
CA ASN C 291 -11.01 -26.77 60.99
C ASN C 291 -10.55 -25.33 61.13
N SER C 292 -10.18 -24.91 62.33
CA SER C 292 -9.47 -23.66 62.50
C SER C 292 -8.08 -23.77 61.85
N VAL C 293 -7.55 -22.62 61.43
CA VAL C 293 -6.24 -22.56 60.79
C VAL C 293 -5.44 -21.47 61.50
N VAL C 294 -4.19 -21.79 61.84
CA VAL C 294 -3.24 -20.82 62.36
C VAL C 294 -2.17 -20.63 61.30
N TYR C 295 -1.84 -19.38 61.02
CA TYR C 295 -0.87 -19.03 59.98
C TYR C 295 0.42 -18.58 60.63
N ASN C 296 1.53 -19.17 60.19
CA ASN C 296 2.84 -18.92 60.78
C ASN C 296 2.93 -19.53 62.19
N LYS C 297 2.43 -20.76 62.34
CA LYS C 297 2.57 -21.46 63.62
C LYS C 297 4.03 -21.49 64.06
N GLU C 298 4.93 -21.78 63.14
CA GLU C 298 6.34 -21.94 63.46
C GLU C 298 7.04 -20.60 63.69
N MET C 299 6.32 -19.49 63.52
CA MET C 299 6.90 -18.15 63.57
C MET C 299 8.27 -18.12 62.89
N ASN C 300 8.32 -18.71 61.69
CA ASN C 300 9.52 -18.74 60.89
C ASN C 300 9.44 -17.85 59.66
N ALA C 301 8.31 -17.19 59.42
CA ALA C 301 8.23 -16.25 58.31
C ALA C 301 9.17 -15.08 58.56
N LYS C 302 9.73 -14.55 57.47
CA LYS C 302 10.67 -13.44 57.58
C LYS C 302 9.92 -12.16 57.93
N TYR C 303 10.63 -11.23 58.56
CA TYR C 303 10.19 -9.86 58.75
C TYR C 303 9.19 -9.69 59.89
N PHE C 304 8.12 -10.47 59.89
CA PHE C 304 6.92 -10.15 60.66
C PHE C 304 6.72 -11.20 61.74
N ASN C 305 6.73 -10.75 62.99
CA ASN C 305 6.62 -11.63 64.16
C ASN C 305 5.15 -11.83 64.51
N VAL C 306 4.42 -12.39 63.55
CA VAL C 306 2.96 -12.42 63.61
C VAL C 306 2.46 -13.85 63.53
N GLN C 307 1.25 -14.04 64.06
CA GLN C 307 0.43 -15.20 63.77
C GLN C 307 -0.98 -14.72 63.45
N TYR C 308 -1.64 -15.39 62.52
CA TYR C 308 -3.03 -15.14 62.22
C TYR C 308 -3.82 -16.42 62.50
N VAL C 309 -5.05 -16.25 62.96
CA VAL C 309 -5.95 -17.37 63.23
C VAL C 309 -7.24 -17.12 62.46
N HIS C 310 -7.81 -18.18 61.92
CA HIS C 310 -9.07 -18.13 61.20
C HIS C 310 -10.07 -19.08 61.87
N ILE C 311 -11.17 -18.53 62.34
CA ILE C 311 -12.27 -19.32 62.88
C ILE C 311 -13.16 -19.71 61.70
N PRO C 312 -13.41 -21.00 61.46
CA PRO C 312 -14.23 -21.37 60.30
C PRO C 312 -15.67 -20.96 60.51
N THR C 313 -16.37 -20.76 59.39
CA THR C 313 -17.80 -20.44 59.46
C THR C 313 -18.61 -21.60 60.01
N SER C 314 -18.09 -22.83 59.92
CA SER C 314 -18.81 -23.98 60.44
C SER C 314 -18.90 -23.97 61.96
N TYR C 315 -17.95 -23.34 62.64
CA TYR C 315 -17.87 -23.43 64.10
C TYR C 315 -18.82 -22.42 64.73
N LYS C 316 -19.89 -22.91 65.36
CA LYS C 316 -20.90 -22.05 65.94
C LYS C 316 -20.92 -22.08 67.46
N ASP C 317 -20.06 -22.87 68.10
CA ASP C 317 -20.08 -22.98 69.55
C ASP C 317 -19.38 -21.79 70.20
N THR C 318 -19.76 -21.53 71.45
CA THR C 318 -19.12 -20.49 72.25
C THR C 318 -17.95 -21.08 73.02
N LEU C 319 -16.84 -20.35 73.04
CA LEU C 319 -15.60 -20.84 73.64
C LEU C 319 -14.76 -19.65 74.08
N ASN C 320 -14.45 -19.60 75.37
CA ASN C 320 -13.53 -18.62 75.91
C ASN C 320 -12.20 -19.30 76.22
N LEU C 321 -11.12 -18.76 75.67
CA LEU C 321 -9.80 -19.37 75.77
C LEU C 321 -8.80 -18.36 76.31
N PHE C 322 -7.67 -18.89 76.77
CA PHE C 322 -6.61 -18.10 77.37
C PHE C 322 -5.26 -18.62 76.92
N CYS C 323 -4.32 -17.71 76.67
CA CYS C 323 -2.92 -18.07 76.48
C CYS C 323 -2.08 -16.92 77.03
N SER C 324 -0.76 -17.09 77.00
CA SER C 324 0.15 -16.17 77.67
C SER C 324 1.39 -15.93 76.83
N ILE C 325 2.01 -14.78 77.06
CA ILE C 325 3.26 -14.39 76.40
C ILE C 325 4.25 -13.98 77.47
N ILE C 326 5.43 -14.60 77.47
CA ILE C 326 6.50 -14.31 78.41
C ILE C 326 7.66 -13.68 77.65
N LEU C 327 8.31 -12.70 78.27
CA LEU C 327 9.41 -11.97 77.64
C LEU C 327 10.75 -12.33 78.27
N LYS C 328 11.80 -12.18 77.47
CA LYS C 328 13.17 -12.27 77.97
C LYS C 328 13.50 -11.05 78.81
N GLU C 329 14.18 -11.26 79.92
CA GLU C 329 14.68 -10.15 80.74
C GLU C 329 16.07 -9.71 80.29
N GLU C 330 16.25 -9.54 78.98
CA GLU C 330 17.58 -9.26 78.46
C GLU C 330 18.13 -7.98 79.03
N GLU C 331 17.37 -6.89 78.91
CA GLU C 331 17.64 -5.66 79.62
C GLU C 331 16.59 -5.53 80.71
N SER C 332 17.02 -5.42 81.95
CA SER C 332 16.10 -5.34 83.08
C SER C 332 15.49 -3.94 83.13
N ASN C 333 14.20 -3.89 83.42
CA ASN C 333 13.58 -2.67 83.92
C ASN C 333 13.37 -2.73 85.43
N LEU C 334 13.94 -3.75 86.08
CA LEU C 334 13.73 -4.14 87.48
C LEU C 334 12.39 -4.85 87.64
N ILE C 335 11.58 -4.92 86.59
CA ILE C 335 10.24 -5.49 86.67
C ILE C 335 10.03 -6.35 85.43
N SER C 336 9.49 -7.56 85.62
CA SER C 336 9.29 -8.49 84.53
C SER C 336 8.00 -8.19 83.79
N THR C 337 8.02 -8.37 82.46
CA THR C 337 6.86 -8.18 81.62
C THR C 337 6.25 -9.52 81.19
N SER C 338 4.93 -9.61 81.24
CA SER C 338 4.18 -10.74 80.68
C SER C 338 2.84 -10.21 80.20
N TYR C 339 2.24 -10.93 79.25
CA TYR C 339 0.96 -10.54 78.66
C TYR C 339 0.00 -11.72 78.69
N LEU C 340 -1.23 -11.46 79.13
CA LEU C 340 -2.33 -12.41 79.07
C LEU C 340 -3.18 -12.12 77.84
N VAL C 341 -3.39 -13.15 77.01
CA VAL C 341 -4.17 -13.05 75.80
C VAL C 341 -5.48 -13.82 76.01
N TYR C 342 -6.60 -13.12 75.88
CA TYR C 342 -7.92 -13.72 76.03
C TYR C 342 -8.56 -13.83 74.65
N VAL C 343 -9.04 -15.02 74.31
CA VAL C 343 -9.66 -15.29 73.02
C VAL C 343 -11.07 -15.78 73.29
N SER C 344 -12.07 -14.99 72.93
CA SER C 344 -13.47 -15.36 73.04
C SER C 344 -14.04 -15.59 71.65
N ILE C 345 -14.71 -16.72 71.47
CA ILE C 345 -15.24 -17.13 70.17
C ILE C 345 -16.75 -17.27 70.30
N ASN C 346 -17.48 -16.44 69.56
CA ASN C 346 -18.95 -16.49 69.50
C ASN C 346 -19.60 -16.11 70.83
N GLU C 347 -18.95 -15.20 71.57
CA GLU C 347 -19.47 -14.73 72.86
C GLU C 347 -20.54 -13.67 72.61
N GLY C 348 -21.71 -14.15 72.17
CA GLY C 348 -22.82 -13.25 71.87
C GLY C 348 -24.01 -13.44 72.78
N GLY D 14 7.79 8.77 -52.36
CA GLY D 14 6.95 9.52 -53.26
C GLY D 14 7.60 9.82 -54.60
N VAL D 15 6.93 10.65 -55.39
CA VAL D 15 7.38 11.02 -56.73
C VAL D 15 7.81 12.48 -56.81
N ASP D 16 7.64 13.24 -55.73
CA ASP D 16 7.72 14.69 -55.77
C ASP D 16 8.10 15.19 -54.39
N GLU D 17 8.50 16.45 -54.32
CA GLU D 17 8.76 17.02 -53.00
C GLU D 17 7.46 17.19 -52.21
N LEU D 18 6.31 17.12 -52.88
CA LEU D 18 5.04 17.19 -52.19
C LEU D 18 4.77 15.91 -51.39
N ASP D 19 5.36 14.78 -51.80
CA ASP D 19 4.95 13.50 -51.24
C ASP D 19 6.11 12.52 -51.05
N LYS D 20 7.35 12.98 -51.01
CA LYS D 20 8.46 12.08 -50.72
C LYS D 20 8.38 11.59 -49.28
N ILE D 21 8.49 10.28 -49.08
CA ILE D 21 8.34 9.68 -47.76
C ILE D 21 9.71 9.37 -47.18
N ASP D 22 9.86 9.64 -45.88
CA ASP D 22 11.08 9.33 -45.13
C ASP D 22 10.87 7.98 -44.48
N LEU D 23 11.49 6.93 -45.03
CA LEU D 23 11.24 5.58 -44.56
C LEU D 23 11.76 5.34 -43.14
N SER D 24 12.74 6.12 -42.70
CA SER D 24 13.30 5.94 -41.36
C SER D 24 12.49 6.64 -40.28
N TYR D 25 11.54 7.50 -40.65
CA TYR D 25 10.81 8.25 -39.64
C TYR D 25 9.99 7.33 -38.75
N GLU D 26 10.02 7.62 -37.45
CA GLU D 26 9.38 6.82 -36.42
C GLU D 26 8.73 7.74 -35.40
N THR D 27 7.52 7.41 -34.99
CA THR D 27 6.94 8.05 -33.82
C THR D 27 5.84 7.17 -33.26
N THR D 28 5.07 7.71 -32.32
CA THR D 28 3.99 7.01 -31.65
C THR D 28 2.86 7.99 -31.40
N GLU D 29 1.67 7.47 -31.12
CA GLU D 29 0.53 8.35 -30.83
C GLU D 29 0.81 9.24 -29.62
N SER D 30 1.40 8.68 -28.57
CA SER D 30 1.61 9.43 -27.34
C SER D 30 2.82 10.36 -27.41
N GLY D 31 3.75 10.12 -28.34
CA GLY D 31 4.95 10.93 -28.35
C GLY D 31 5.72 10.75 -27.05
N ASP D 32 6.17 11.86 -26.47
CA ASP D 32 6.92 11.85 -25.22
C ASP D 32 6.06 12.18 -24.01
N THR D 33 4.73 12.21 -24.17
CA THR D 33 3.87 12.65 -23.08
C THR D 33 3.75 11.62 -21.97
N ALA D 34 4.09 10.35 -22.24
CA ALA D 34 3.95 9.24 -21.31
C ALA D 34 2.51 8.88 -21.04
N VAL D 35 1.57 9.46 -21.78
CA VAL D 35 0.15 9.18 -21.61
C VAL D 35 -0.21 7.95 -22.43
N SER D 36 -0.95 7.03 -21.83
CA SER D 36 -1.47 5.88 -22.56
C SER D 36 -2.86 6.21 -23.11
N GLU D 37 -3.27 5.43 -24.13
CA GLU D 37 -4.45 5.83 -24.91
C GLU D 37 -5.72 5.85 -24.08
N ASP D 38 -5.82 4.98 -23.07
CA ASP D 38 -7.00 4.98 -22.21
C ASP D 38 -7.15 6.29 -21.46
N SER D 39 -6.10 7.12 -21.40
CA SER D 39 -6.16 8.42 -20.76
C SER D 39 -6.14 9.57 -21.76
N TYR D 40 -6.20 9.28 -23.05
CA TYR D 40 -6.40 10.34 -24.03
C TYR D 40 -7.77 11.00 -23.80
N ASP D 41 -7.83 12.30 -24.07
CA ASP D 41 -9.11 12.99 -24.19
C ASP D 41 -9.58 12.79 -25.64
N LYS D 42 -10.46 11.81 -25.85
CA LYS D 42 -10.92 11.44 -27.17
C LYS D 42 -12.25 12.13 -27.47
N TYR D 43 -12.41 12.58 -28.70
CA TYR D 43 -13.65 13.24 -29.12
C TYR D 43 -13.81 13.09 -30.62
N ALA D 44 -15.06 13.16 -31.07
CA ALA D 44 -15.36 13.02 -32.48
C ALA D 44 -15.12 14.33 -33.22
N SER D 45 -14.84 14.21 -34.51
CA SER D 45 -14.81 15.38 -35.37
C SER D 45 -16.19 16.03 -35.39
N ASN D 46 -16.20 17.33 -35.67
CA ASN D 46 -17.46 18.07 -35.85
C ASN D 46 -17.86 17.94 -37.31
N ASN D 47 -18.95 17.23 -37.57
CA ASN D 47 -19.33 16.82 -38.91
C ASN D 47 -20.56 17.59 -39.35
N THR D 48 -20.44 18.26 -40.50
CA THR D 48 -21.52 19.04 -41.10
C THR D 48 -21.64 18.66 -42.56
N ASN D 49 -22.81 18.19 -42.98
CA ASN D 49 -23.05 17.74 -44.35
C ASN D 49 -22.05 16.62 -44.61
N LYS D 50 -21.13 16.75 -45.58
CA LYS D 50 -20.11 15.76 -45.84
C LYS D 50 -18.71 16.29 -45.55
N GLU D 51 -18.59 17.24 -44.62
CA GLU D 51 -17.30 17.77 -44.18
C GLU D 51 -17.10 17.40 -42.72
N TYR D 52 -16.04 16.63 -42.44
CA TYR D 52 -15.69 16.20 -41.08
C TYR D 52 -14.44 16.98 -40.67
N VAL D 53 -14.56 17.79 -39.62
CA VAL D 53 -13.55 18.78 -39.27
C VAL D 53 -12.97 18.47 -37.90
N CYS D 54 -11.64 18.45 -37.81
CA CYS D 54 -10.90 18.43 -36.55
C CYS D 54 -10.19 19.77 -36.40
N ASP D 55 -10.65 20.60 -35.48
CA ASP D 55 -10.12 21.94 -35.27
C ASP D 55 -9.40 22.00 -33.92
N PHE D 56 -8.08 22.23 -33.97
CA PHE D 56 -7.25 22.28 -32.77
C PHE D 56 -6.99 23.70 -32.28
N THR D 57 -7.68 24.69 -32.85
CA THR D 57 -7.36 26.08 -32.55
C THR D 57 -7.43 26.40 -31.06
N ASP D 58 -8.31 25.70 -30.33
CA ASP D 58 -8.55 25.97 -28.92
C ASP D 58 -8.22 24.77 -28.04
N GLN D 59 -7.69 23.69 -28.61
CA GLN D 59 -7.49 22.44 -27.88
C GLN D 59 -6.08 22.27 -27.33
N LEU D 60 -5.10 23.03 -27.82
CA LEU D 60 -3.70 22.77 -27.51
C LEU D 60 -3.03 23.88 -26.72
N LYS D 61 -3.75 24.93 -26.34
CA LYS D 61 -3.16 25.98 -25.54
C LYS D 61 -2.63 25.41 -24.23
N PRO D 62 -1.52 25.94 -23.71
CA PRO D 62 -0.94 25.37 -22.49
C PRO D 62 -1.84 25.56 -21.27
N THR D 63 -1.88 24.54 -20.42
CA THR D 63 -2.56 24.59 -19.14
C THR D 63 -1.66 23.97 -18.08
N GLU D 64 -1.97 24.25 -16.81
CA GLU D 64 -1.21 23.65 -15.72
C GLU D 64 -1.15 22.14 -15.85
N SER D 65 -2.25 21.54 -16.32
CA SER D 65 -2.36 20.09 -16.42
C SER D 65 -1.55 19.50 -17.56
N GLY D 66 -1.05 20.32 -18.48
CA GLY D 66 -0.44 19.83 -19.69
C GLY D 66 0.87 19.10 -19.46
N PRO D 67 1.30 18.30 -20.44
CA PRO D 67 0.59 18.06 -21.71
C PRO D 67 -0.41 16.91 -21.65
N LYS D 68 -1.61 17.15 -22.17
CA LYS D 68 -2.59 16.10 -22.41
C LYS D 68 -2.54 15.68 -23.88
N VAL D 69 -3.18 14.56 -24.17
CA VAL D 69 -3.32 14.06 -25.53
C VAL D 69 -4.76 14.33 -25.98
N LYS D 70 -4.91 15.08 -27.07
CA LYS D 70 -6.21 15.38 -27.66
C LYS D 70 -6.35 14.55 -28.94
N LYS D 71 -7.23 13.55 -28.91
CA LYS D 71 -7.41 12.63 -30.03
C LYS D 71 -8.76 12.92 -30.68
N CYS D 72 -8.71 13.48 -31.89
CA CYS D 72 -9.91 13.74 -32.69
C CYS D 72 -10.14 12.54 -33.60
N GLU D 73 -11.27 11.87 -33.42
CA GLU D 73 -11.58 10.63 -34.13
C GLU D 73 -12.51 10.93 -35.30
N VAL D 74 -12.00 10.67 -36.52
CA VAL D 74 -12.75 10.85 -37.76
C VAL D 74 -13.16 9.46 -38.23
N LYS D 75 -14.45 9.15 -38.16
CA LYS D 75 -14.97 7.84 -38.50
C LYS D 75 -15.85 7.94 -39.74
N VAL D 76 -15.42 7.28 -40.81
CA VAL D 76 -16.02 7.41 -42.13
C VAL D 76 -16.48 6.04 -42.60
N ASN D 77 -17.79 5.92 -42.87
CA ASN D 77 -18.31 4.75 -43.56
C ASN D 77 -19.36 5.16 -44.59
N GLU D 78 -19.17 6.32 -45.20
CA GLU D 78 -20.02 6.84 -46.27
C GLU D 78 -19.12 7.46 -47.33
N PRO D 79 -19.60 7.58 -48.57
CA PRO D 79 -18.73 8.04 -49.66
C PRO D 79 -18.55 9.55 -49.69
N LEU D 80 -17.43 9.96 -50.29
CA LEU D 80 -17.20 11.34 -50.70
C LEU D 80 -17.21 12.29 -49.52
N ILE D 81 -16.67 11.83 -48.39
CA ILE D 81 -16.51 12.67 -47.21
C ILE D 81 -15.24 13.50 -47.37
N LYS D 82 -15.36 14.79 -47.13
CA LYS D 82 -14.21 15.69 -47.10
C LYS D 82 -13.71 15.83 -45.66
N VAL D 83 -12.42 15.56 -45.46
CA VAL D 83 -11.80 15.65 -44.14
C VAL D 83 -10.95 16.91 -44.10
N LYS D 84 -11.19 17.75 -43.09
CA LYS D 84 -10.49 19.00 -42.90
C LYS D 84 -9.88 19.02 -41.51
N ILE D 85 -8.58 19.34 -41.43
CA ILE D 85 -7.86 19.37 -40.15
C ILE D 85 -7.19 20.74 -40.02
N ILE D 86 -7.42 21.41 -38.91
CA ILE D 86 -6.90 22.74 -38.65
C ILE D 86 -5.97 22.65 -37.45
N CYS D 87 -4.71 23.04 -37.65
CA CYS D 87 -3.70 23.01 -36.60
C CYS D 87 -3.20 24.44 -36.41
N PRO D 88 -3.30 25.03 -35.22
CA PRO D 88 -2.90 26.43 -35.07
C PRO D 88 -1.43 26.62 -35.39
N LEU D 89 -1.11 27.79 -35.94
CA LEU D 89 0.23 28.06 -36.46
C LEU D 89 1.10 28.71 -35.40
N LYS D 90 2.39 28.37 -35.42
CA LYS D 90 3.37 29.03 -34.58
C LYS D 90 3.26 30.54 -34.72
N GLY D 91 3.21 31.22 -33.58
CA GLY D 91 3.14 32.66 -33.57
C GLY D 91 1.81 33.26 -33.95
N SER D 92 0.83 32.45 -34.39
CA SER D 92 -0.50 32.99 -34.65
C SER D 92 -1.06 33.68 -33.41
N VAL D 93 -0.64 33.23 -32.23
CA VAL D 93 -0.90 33.92 -30.97
C VAL D 93 0.39 33.87 -30.15
N GLU D 94 0.73 34.99 -29.53
CA GLU D 94 2.01 35.12 -28.86
C GLU D 94 2.17 34.06 -27.77
N LYS D 95 3.27 33.32 -27.84
CA LYS D 95 3.69 32.40 -26.78
C LYS D 95 2.95 31.08 -26.78
N LEU D 96 1.66 31.08 -27.07
CA LEU D 96 0.87 29.88 -26.83
C LEU D 96 1.23 28.74 -27.78
N TYR D 97 1.89 29.03 -28.90
CA TYR D 97 2.22 28.01 -29.90
C TYR D 97 3.66 28.15 -30.38
N ASP D 98 4.54 28.73 -29.55
CA ASP D 98 5.89 29.04 -30.01
C ASP D 98 6.68 27.80 -30.44
N ASN D 99 6.31 26.61 -29.97
CA ASN D 99 7.06 25.40 -30.25
C ASN D 99 6.17 24.29 -30.81
N ILE D 100 5.14 24.66 -31.55
CA ILE D 100 4.20 23.68 -32.08
C ILE D 100 4.80 23.00 -33.31
N GLU D 101 4.56 21.70 -33.43
CA GLU D 101 5.01 20.89 -34.55
C GLU D 101 3.83 20.14 -35.14
N TYR D 102 3.90 19.86 -36.44
CA TYR D 102 2.91 19.01 -37.10
C TYR D 102 3.62 17.92 -37.88
N VAL D 103 2.99 16.76 -37.94
CA VAL D 103 3.58 15.58 -38.58
C VAL D 103 2.48 14.80 -39.30
N PRO D 104 2.72 14.29 -40.52
CA PRO D 104 3.90 14.54 -41.37
C PRO D 104 3.93 15.97 -41.88
N LYS D 105 5.14 16.48 -42.13
CA LYS D 105 5.26 17.83 -42.69
C LYS D 105 4.51 17.94 -44.01
N LYS D 106 4.45 16.85 -44.77
CA LYS D 106 3.84 16.83 -46.11
C LYS D 106 2.43 16.29 -46.10
N SER D 107 1.71 16.40 -44.98
CA SER D 107 0.30 16.12 -44.97
C SER D 107 -0.41 17.02 -45.98
N PRO D 108 -1.47 16.52 -46.64
CA PRO D 108 -2.10 15.20 -46.50
C PRO D 108 -1.56 14.16 -47.47
N TYR D 109 -0.61 14.53 -48.33
CA TYR D 109 -0.04 13.56 -49.26
C TYR D 109 0.66 12.44 -48.50
N VAL D 110 1.31 12.76 -47.40
CA VAL D 110 1.97 11.79 -46.53
C VAL D 110 1.20 11.72 -45.22
N VAL D 111 0.88 10.51 -44.78
CA VAL D 111 0.19 10.29 -43.53
C VAL D 111 0.98 9.27 -42.73
N LEU D 112 0.52 9.03 -41.50
CA LEU D 112 1.09 8.03 -40.61
C LEU D 112 0.15 6.85 -40.53
N THR D 113 0.70 5.65 -40.57
CA THR D 113 -0.06 4.42 -40.31
C THR D 113 0.73 3.59 -39.30
N LYS D 114 0.02 2.72 -38.61
CA LYS D 114 0.63 1.89 -37.59
C LYS D 114 1.29 0.68 -38.24
N GLU D 115 2.61 0.57 -38.07
CA GLU D 115 3.38 -0.56 -38.56
C GLU D 115 3.99 -1.24 -37.34
N GLU D 116 3.66 -2.53 -37.16
CA GLU D 116 3.99 -3.22 -35.91
C GLU D 116 3.30 -2.43 -34.80
N THR D 117 4.03 -1.65 -34.01
CA THR D 117 3.39 -0.83 -32.98
C THR D 117 3.79 0.64 -33.03
N LYS D 118 4.42 1.10 -34.12
CA LYS D 118 4.80 2.49 -34.24
C LYS D 118 4.14 3.11 -35.47
N LEU D 119 4.11 4.44 -35.49
CA LEU D 119 3.58 5.19 -36.63
C LEU D 119 4.70 5.47 -37.62
N LYS D 120 4.45 5.16 -38.88
CA LYS D 120 5.43 5.37 -39.94
C LYS D 120 4.74 6.01 -41.13
N GLU D 121 5.55 6.68 -41.97
CA GLU D 121 5.00 7.47 -43.06
C GLU D 121 4.48 6.58 -44.18
N LYS D 122 3.39 7.01 -44.81
CA LYS D 122 2.75 6.25 -45.87
C LYS D 122 2.14 7.22 -46.88
N LEU D 123 2.23 6.86 -48.16
CA LEU D 123 1.56 7.61 -49.20
C LEU D 123 0.06 7.41 -49.11
N LEU D 124 -0.70 8.50 -48.90
CA LEU D 124 -2.14 8.36 -48.73
C LEU D 124 -2.79 7.84 -50.01
N SER D 125 -2.27 8.23 -51.17
CA SER D 125 -2.85 7.79 -52.43
C SER D 125 -2.62 6.30 -52.67
N LYS D 126 -1.55 5.73 -52.10
CA LYS D 126 -1.34 4.30 -52.19
C LYS D 126 -2.23 3.56 -51.20
N LEU D 127 -2.64 4.24 -50.12
CA LEU D 127 -3.50 3.64 -49.11
C LEU D 127 -4.94 3.59 -49.58
N ILE D 128 -5.38 4.63 -50.30
CA ILE D 128 -6.77 4.77 -50.71
C ILE D 128 -6.82 5.21 -52.17
N TYR D 129 -7.07 4.27 -53.07
CA TYR D 129 -7.18 4.61 -54.48
C TYR D 129 -8.35 5.54 -54.72
N GLY D 130 -8.14 6.52 -55.61
CA GLY D 130 -9.18 7.47 -55.96
C GLY D 130 -9.35 8.63 -55.02
N LEU D 131 -8.56 8.70 -53.96
CA LEU D 131 -8.65 9.79 -53.00
C LEU D 131 -8.22 11.10 -53.67
N LEU D 132 -8.90 12.19 -53.32
CA LEU D 132 -8.73 13.47 -53.99
C LEU D 132 -8.02 14.44 -53.05
N ILE D 133 -6.80 14.84 -53.41
CA ILE D 133 -6.08 15.88 -52.70
C ILE D 133 -5.99 17.08 -53.64
N SER D 134 -6.71 18.14 -53.31
CA SER D 134 -6.63 19.36 -54.09
C SER D 134 -5.34 20.11 -53.79
N PRO D 135 -4.79 20.83 -54.77
CA PRO D 135 -3.55 21.58 -54.50
C PRO D 135 -3.74 22.71 -53.50
N THR D 136 -4.93 23.28 -53.37
CA THR D 136 -5.15 24.45 -52.55
C THR D 136 -6.31 24.26 -51.58
N VAL D 137 -6.28 25.06 -50.51
CA VAL D 137 -7.37 25.18 -49.57
C VAL D 137 -7.55 26.67 -49.27
N ASN D 138 -8.77 27.17 -49.44
CA ASN D 138 -9.06 28.59 -49.23
C ASN D 138 -8.08 29.45 -50.04
N GLU D 139 -7.74 28.97 -51.23
CA GLU D 139 -6.86 29.70 -52.16
C GLU D 139 -5.45 29.84 -51.59
N LYS D 140 -5.03 28.90 -50.75
CA LYS D 140 -3.67 28.79 -50.24
C LYS D 140 -3.21 27.35 -50.42
N GLU D 141 -1.91 27.11 -50.21
CA GLU D 141 -1.36 25.77 -50.38
C GLU D 141 -2.00 24.79 -49.40
N ASN D 142 -2.24 23.57 -49.87
CA ASN D 142 -2.81 22.51 -49.05
C ASN D 142 -1.69 21.87 -48.23
N ASN D 143 -1.40 22.50 -47.10
CA ASN D 143 -0.27 22.11 -46.26
C ASN D 143 -0.43 22.77 -44.90
N PHE D 144 -0.04 22.05 -43.85
CA PHE D 144 -0.19 22.58 -42.49
C PHE D 144 0.55 23.90 -42.31
N LYS D 145 1.55 24.19 -43.15
CA LYS D 145 2.23 25.48 -43.07
C LYS D 145 1.26 26.65 -43.26
N GLU D 146 0.13 26.41 -43.93
CA GLU D 146 -0.90 27.42 -44.11
C GLU D 146 -2.02 27.28 -43.08
N GLY D 147 -1.93 26.32 -42.17
CA GLY D 147 -2.85 26.22 -41.05
C GLY D 147 -3.90 25.14 -41.18
N VAL D 148 -4.07 24.55 -42.36
CA VAL D 148 -5.19 23.64 -42.60
C VAL D 148 -4.83 22.73 -43.76
N ILE D 149 -5.31 21.48 -43.70
CA ILE D 149 -5.22 20.56 -44.81
C ILE D 149 -6.61 19.98 -45.08
N GLU D 150 -6.82 19.53 -46.32
CA GLU D 150 -8.09 18.94 -46.73
C GLU D 150 -7.82 17.80 -47.70
N PHE D 151 -8.71 16.80 -47.65
CA PHE D 151 -8.76 15.78 -48.70
C PHE D 151 -10.17 15.20 -48.74
N THR D 152 -10.51 14.61 -49.87
CA THR D 152 -11.83 14.03 -50.09
C THR D 152 -11.69 12.54 -50.36
N LEU D 153 -12.34 11.72 -49.55
CA LEU D 153 -12.31 10.29 -49.76
C LEU D 153 -13.19 9.90 -50.94
N PRO D 154 -12.89 8.80 -51.61
CA PRO D 154 -13.54 8.50 -52.89
C PRO D 154 -14.91 7.89 -52.67
N PRO D 155 -15.63 7.57 -53.76
CA PRO D 155 -16.93 6.92 -53.61
C PRO D 155 -16.86 5.47 -53.15
N VAL D 156 -15.68 4.86 -53.09
CA VAL D 156 -15.56 3.43 -52.79
C VAL D 156 -14.25 3.19 -52.07
N VAL D 157 -14.31 2.39 -50.99
CA VAL D 157 -13.15 1.96 -50.23
C VAL D 157 -13.33 0.49 -49.91
N HIS D 158 -12.36 -0.34 -50.30
CA HIS D 158 -12.52 -1.79 -50.21
C HIS D 158 -12.14 -2.35 -48.85
N LYS D 159 -11.18 -1.74 -48.17
CA LYS D 159 -10.66 -2.28 -46.92
C LYS D 159 -10.62 -1.21 -45.84
N ALA D 160 -10.87 -1.63 -44.60
CA ALA D 160 -10.72 -0.74 -43.46
C ALA D 160 -9.32 -0.14 -43.45
N THR D 161 -9.23 1.15 -43.14
CA THR D 161 -7.98 1.90 -43.26
C THR D 161 -7.92 2.90 -42.12
N VAL D 162 -6.76 2.96 -41.46
CA VAL D 162 -6.57 3.86 -40.32
C VAL D 162 -5.23 4.56 -40.49
N PHE D 163 -5.24 5.89 -40.41
CA PHE D 163 -4.03 6.69 -40.55
C PHE D 163 -4.18 7.93 -39.68
N TYR D 164 -3.05 8.60 -39.44
CA TYR D 164 -2.97 9.59 -38.37
C TYR D 164 -2.28 10.86 -38.82
N PHE D 165 -2.64 11.95 -38.14
CA PHE D 165 -1.93 13.22 -38.19
C PHE D 165 -1.64 13.67 -36.77
N ILE D 166 -0.52 14.38 -36.60
CA ILE D 166 -0.11 14.90 -35.31
C ILE D 166 -0.04 16.41 -35.40
N CYS D 167 -0.63 17.09 -34.42
CA CYS D 167 -0.53 18.55 -34.24
C CYS D 167 -0.13 18.73 -32.77
N ASP D 168 1.18 18.83 -32.52
CA ASP D 168 1.76 18.62 -31.21
C ASP D 168 2.30 19.95 -30.67
N ASN D 169 1.64 20.46 -29.63
CA ASN D 169 2.07 21.67 -28.94
C ASN D 169 2.68 21.38 -27.57
N SER D 170 3.12 20.14 -27.34
CA SER D 170 3.54 19.73 -26.00
C SER D 170 4.89 20.31 -25.60
N LYS D 171 5.69 20.76 -26.55
CA LYS D 171 6.99 21.35 -26.26
C LYS D 171 6.93 22.86 -26.09
N THR D 172 5.74 23.46 -26.16
CA THR D 172 5.58 24.88 -25.89
C THR D 172 5.37 25.09 -24.39
N GLU D 173 6.22 25.93 -23.80
CA GLU D 173 6.16 26.20 -22.37
C GLU D 173 5.82 27.68 -22.14
N ASP D 174 4.97 27.93 -21.15
CA ASP D 174 4.56 29.29 -20.80
C ASP D 174 4.25 29.28 -19.30
N ASP D 175 5.17 29.78 -18.49
CA ASP D 175 5.02 29.66 -17.03
C ASP D 175 4.99 28.17 -16.70
N ASN D 176 4.22 27.78 -15.68
CA ASN D 176 4.09 26.38 -15.31
C ASN D 176 3.26 25.57 -16.28
N LYS D 177 2.71 26.18 -17.33
CA LYS D 177 1.79 25.49 -18.23
C LYS D 177 2.54 24.93 -19.44
N LYS D 178 2.04 23.81 -19.95
CA LYS D 178 2.53 23.23 -21.19
C LYS D 178 1.36 22.89 -22.11
N GLY D 179 1.59 23.01 -23.41
CA GLY D 179 0.58 22.70 -24.39
C GLY D 179 0.34 21.21 -24.50
N ASN D 180 -0.66 20.86 -25.31
CA ASN D 180 -1.09 19.49 -25.49
C ASN D 180 -0.64 18.94 -26.84
N ARG D 181 -0.67 17.61 -26.94
CA ARG D 181 -0.39 16.90 -28.18
C ARG D 181 -1.71 16.48 -28.80
N GLY D 182 -2.01 17.03 -29.98
CA GLY D 182 -3.22 16.67 -30.69
C GLY D 182 -2.94 15.56 -31.68
N ILE D 183 -3.85 14.59 -31.71
CA ILE D 183 -3.80 13.50 -32.68
C ILE D 183 -5.10 13.51 -33.47
N VAL D 184 -5.01 13.24 -34.76
CA VAL D 184 -6.16 12.94 -35.59
C VAL D 184 -6.04 11.47 -36.01
N GLU D 185 -7.07 10.68 -35.73
CA GLU D 185 -7.16 9.30 -36.18
C GLU D 185 -8.31 9.23 -37.18
N VAL D 186 -7.99 9.00 -38.44
CA VAL D 186 -8.98 8.83 -39.50
C VAL D 186 -9.19 7.34 -39.67
N TYR D 187 -10.40 6.87 -39.36
CA TYR D 187 -10.76 5.45 -39.37
C TYR D 187 -11.80 5.29 -40.47
N VAL D 188 -11.38 4.76 -41.62
CA VAL D 188 -12.26 4.58 -42.76
C VAL D 188 -12.67 3.12 -42.81
N GLU D 189 -13.97 2.88 -42.66
CA GLU D 189 -14.51 1.54 -42.83
C GLU D 189 -14.83 1.29 -44.30
N PRO D 190 -14.91 0.03 -44.72
CA PRO D 190 -15.24 -0.25 -46.12
C PRO D 190 -16.62 0.30 -46.45
N TYR D 191 -16.78 0.83 -47.66
CA TYR D 191 -18.07 1.32 -48.10
C TYR D 191 -18.11 1.34 -49.62
N GLY D 192 -19.29 1.06 -50.17
CA GLY D 192 -19.48 1.04 -51.61
C GLY D 192 -18.95 -0.23 -52.25
N ASN D 193 -19.15 -0.32 -53.56
CA ASN D 193 -18.63 -1.44 -54.33
C ASN D 193 -17.97 -0.99 -55.63
N LYS D 194 -18.75 -0.43 -56.54
CA LYS D 194 -18.24 -0.07 -57.86
C LYS D 194 -18.97 1.16 -58.36
N ILE D 195 -18.20 2.11 -58.87
CA ILE D 195 -18.74 3.39 -59.33
C ILE D 195 -19.36 3.18 -60.70
N ASN D 196 -20.64 3.51 -60.84
CA ASN D 196 -21.27 3.51 -62.15
C ASN D 196 -20.52 4.50 -63.06
N GLY D 197 -20.00 4.01 -64.16
CA GLY D 197 -19.16 4.83 -65.00
C GLY D 197 -18.15 3.95 -65.75
N CYS D 198 -17.03 4.57 -66.12
CA CYS D 198 -16.11 3.93 -67.04
C CYS D 198 -14.67 4.26 -66.68
N ALA D 199 -13.82 3.24 -66.80
CA ALA D 199 -12.37 3.39 -66.64
C ALA D 199 -11.73 3.18 -68.01
N PHE D 200 -11.05 4.21 -68.51
CA PHE D 200 -10.38 4.14 -69.81
C PHE D 200 -8.95 3.70 -69.52
N LEU D 201 -8.69 2.41 -69.73
CA LEU D 201 -7.46 1.77 -69.27
C LEU D 201 -6.49 1.57 -70.41
N ASP D 202 -5.22 1.86 -70.14
CA ASP D 202 -4.17 1.91 -71.17
C ASP D 202 -3.50 0.55 -71.29
N GLU D 203 -4.24 -0.37 -71.93
CA GLU D 203 -3.78 -1.74 -72.11
C GLU D 203 -3.15 -1.92 -73.49
N HIS D 219 1.20 -2.45 -60.74
CA HIS D 219 0.47 -3.68 -61.04
C HIS D 219 -0.71 -3.84 -60.10
N ASN D 220 -0.46 -3.71 -58.79
CA ASN D 220 -1.57 -3.58 -57.86
C ASN D 220 -2.36 -2.30 -58.15
N GLU D 221 -1.65 -1.23 -58.51
CA GLU D 221 -2.29 0.00 -58.95
C GLU D 221 -3.17 -0.26 -60.18
N LYS D 222 -2.68 -1.04 -61.15
CA LYS D 222 -3.51 -1.36 -62.30
C LYS D 222 -4.71 -2.21 -61.91
N ILE D 223 -4.54 -3.15 -60.97
CA ILE D 223 -5.68 -3.93 -60.49
C ILE D 223 -6.69 -3.02 -59.82
N LYS D 224 -6.20 -2.00 -59.09
CA LYS D 224 -7.10 -1.03 -58.46
C LYS D 224 -7.95 -0.29 -59.50
N MET D 225 -7.34 0.09 -60.63
CA MET D 225 -8.11 0.78 -61.67
C MET D 225 -9.20 -0.13 -62.24
N LYS D 226 -8.87 -1.40 -62.43
CA LYS D 226 -9.73 -2.36 -63.13
C LYS D 226 -10.91 -2.82 -62.31
N THR D 227 -10.86 -2.62 -61.00
CA THR D 227 -11.92 -3.06 -60.09
C THR D 227 -12.78 -1.91 -59.58
N PHE D 228 -12.48 -0.68 -59.95
CA PHE D 228 -13.09 0.48 -59.33
C PHE D 228 -14.31 1.00 -60.07
N PHE D 229 -14.43 0.75 -61.37
CA PHE D 229 -15.52 1.25 -62.18
C PHE D 229 -16.28 0.10 -62.82
N THR D 230 -17.58 0.31 -63.04
CA THR D 230 -18.44 -0.76 -63.53
C THR D 230 -18.09 -1.17 -64.96
N GLN D 231 -17.57 -0.25 -65.77
CA GLN D 231 -17.24 -0.52 -67.16
C GLN D 231 -15.77 -0.18 -67.41
N ASN D 232 -15.05 -1.09 -68.06
CA ASN D 232 -13.67 -0.89 -68.44
C ASN D 232 -13.58 -0.77 -69.96
N ILE D 233 -13.11 0.38 -70.43
CA ILE D 233 -12.91 0.63 -71.85
C ILE D 233 -11.41 0.47 -72.11
N TYR D 234 -11.00 -0.67 -72.67
CA TYR D 234 -9.60 -0.89 -72.97
C TYR D 234 -9.25 -0.24 -74.31
N LYS D 235 -8.02 0.25 -74.40
CA LYS D 235 -7.61 1.14 -75.47
C LYS D 235 -8.08 0.62 -76.83
N LYS D 236 -8.88 1.43 -77.51
CA LYS D 236 -9.40 1.11 -78.83
C LYS D 236 -9.07 2.21 -79.82
N ASN D 237 -9.01 1.83 -81.08
CA ASN D 237 -8.83 2.74 -82.21
C ASN D 237 -10.16 2.97 -82.91
N ASN D 238 -11.19 3.21 -82.09
CA ASN D 238 -12.55 3.34 -82.54
C ASN D 238 -13.10 4.70 -82.10
N ILE D 239 -14.35 4.94 -82.47
CA ILE D 239 -15.22 5.88 -81.78
C ILE D 239 -16.09 4.97 -80.91
N TYR D 240 -15.81 4.90 -79.61
CA TYR D 240 -16.39 3.85 -78.80
C TYR D 240 -17.25 4.39 -77.67
N PRO D 241 -18.32 3.65 -77.28
CA PRO D 241 -19.27 4.22 -76.30
C PRO D 241 -19.07 3.74 -74.86
N CYS D 242 -18.90 4.71 -73.96
CA CYS D 242 -19.08 4.49 -72.53
C CYS D 242 -20.52 4.83 -72.17
N TYR D 243 -21.13 4.00 -71.32
CA TYR D 243 -22.49 4.21 -70.85
C TYR D 243 -22.49 4.31 -69.33
N MET D 244 -23.01 5.41 -68.81
CA MET D 244 -23.07 5.67 -67.37
C MET D 244 -24.55 5.83 -67.00
N LYS D 245 -25.13 4.80 -66.41
CA LYS D 245 -26.55 4.82 -66.02
C LYS D 245 -26.66 5.14 -64.54
N LEU D 246 -27.41 6.20 -64.22
CA LEU D 246 -27.49 6.72 -62.87
C LEU D 246 -28.95 6.93 -62.48
N TYR D 247 -29.19 6.98 -61.17
CA TYR D 247 -30.51 7.28 -60.63
C TYR D 247 -30.34 8.27 -59.49
N SER D 248 -31.47 8.80 -59.02
CA SER D 248 -31.47 9.73 -57.90
C SER D 248 -30.65 9.17 -56.75
N GLY D 249 -29.65 9.94 -56.30
CA GLY D 249 -28.80 9.55 -55.21
C GLY D 249 -27.53 8.83 -55.62
N ASP D 250 -27.42 8.41 -56.87
CA ASP D 250 -26.27 7.62 -57.29
C ASP D 250 -25.02 8.48 -57.45
N ILE D 251 -23.87 7.82 -57.34
CA ILE D 251 -22.57 8.40 -57.67
C ILE D 251 -22.09 7.74 -58.95
N GLY D 252 -21.59 8.55 -59.88
CA GLY D 252 -20.89 8.06 -61.05
C GLY D 252 -19.52 8.70 -61.14
N GLY D 253 -18.73 8.24 -62.10
CA GLY D 253 -17.42 8.81 -62.31
C GLY D 253 -16.77 8.23 -63.54
N ILE D 254 -15.64 8.83 -63.89
CA ILE D 254 -14.86 8.42 -65.04
C ILE D 254 -13.38 8.52 -64.69
N LEU D 255 -12.63 7.47 -65.00
CA LEU D 255 -11.16 7.52 -65.00
C LEU D 255 -10.74 7.81 -66.44
N PHE D 256 -10.33 9.04 -66.68
CA PHE D 256 -10.08 9.49 -68.04
C PHE D 256 -8.76 8.92 -68.57
N PRO D 257 -8.66 8.74 -69.89
CA PRO D 257 -7.40 8.24 -70.45
C PRO D 257 -6.23 9.14 -70.10
N LYS D 258 -5.03 8.56 -70.10
CA LYS D 258 -3.84 9.35 -69.77
C LYS D 258 -3.57 10.42 -70.83
N ASN D 259 -3.66 10.08 -72.12
CA ASN D 259 -3.34 11.02 -73.18
C ASN D 259 -4.51 11.93 -73.52
N ILE D 260 -5.38 12.22 -72.56
CA ILE D 260 -6.51 13.09 -72.82
C ILE D 260 -6.01 14.42 -73.37
N LYS D 261 -6.67 14.91 -74.41
CA LYS D 261 -6.47 16.26 -74.88
C LYS D 261 -7.53 17.21 -74.34
N SER D 262 -8.80 16.84 -74.48
CA SER D 262 -9.91 17.69 -74.08
C SER D 262 -11.13 16.80 -73.85
N THR D 263 -12.03 17.26 -72.99
CA THR D 263 -13.29 16.56 -72.77
C THR D 263 -14.35 17.58 -72.41
N THR D 264 -15.57 17.33 -72.88
CA THR D 264 -16.74 18.13 -72.53
C THR D 264 -17.48 17.56 -71.32
N CYS D 265 -17.00 16.46 -70.75
CA CYS D 265 -17.54 15.92 -69.50
C CYS D 265 -16.91 16.71 -68.36
N PHE D 266 -17.69 17.48 -67.59
CA PHE D 266 -19.15 17.54 -67.63
C PHE D 266 -19.66 18.98 -67.71
N GLU D 267 -18.81 19.89 -68.19
CA GLU D 267 -19.18 21.29 -68.30
C GLU D 267 -19.92 21.62 -69.59
N GLU D 268 -19.90 20.73 -70.58
CA GLU D 268 -20.52 21.00 -71.88
C GLU D 268 -21.26 19.75 -72.35
N MET D 269 -22.28 19.37 -71.58
CA MET D 269 -23.14 18.25 -71.90
C MET D 269 -24.15 18.66 -72.96
N ILE D 270 -24.57 17.69 -73.77
CA ILE D 270 -25.66 17.88 -74.73
C ILE D 270 -26.77 16.90 -74.37
N PRO D 271 -27.97 17.37 -74.00
CA PRO D 271 -29.09 16.46 -73.80
C PRO D 271 -29.69 16.02 -75.12
N TYR D 272 -30.11 14.76 -75.19
CA TYR D 272 -30.84 14.24 -76.34
C TYR D 272 -32.11 13.57 -75.84
N ASN D 273 -33.00 13.25 -76.78
CA ASN D 273 -34.38 12.86 -76.50
C ASN D 273 -35.18 14.05 -75.98
N LYS D 274 -36.47 14.09 -76.30
CA LYS D 274 -37.24 15.32 -76.12
C LYS D 274 -38.20 15.26 -74.95
N GLU D 275 -37.67 15.00 -73.75
CA GLU D 275 -38.46 15.16 -72.54
C GLU D 275 -38.90 16.61 -72.38
N ILE D 276 -37.94 17.54 -72.42
CA ILE D 276 -38.19 18.96 -72.17
C ILE D 276 -37.35 19.79 -73.12
N LYS D 277 -37.69 21.08 -73.19
CA LYS D 277 -37.00 22.04 -74.05
C LYS D 277 -35.69 22.47 -73.40
N TRP D 278 -34.70 22.79 -74.24
CA TRP D 278 -33.32 23.00 -73.80
C TRP D 278 -32.84 24.40 -74.14
N ASN D 279 -32.41 25.14 -73.12
CA ASN D 279 -31.54 26.30 -73.31
C ASN D 279 -30.13 25.79 -73.58
N LYS D 280 -29.57 26.15 -74.74
CA LYS D 280 -28.30 25.52 -75.16
C LYS D 280 -27.09 25.98 -74.34
N GLU D 281 -27.16 27.06 -73.57
CA GLU D 281 -26.07 27.45 -72.69
C GLU D 281 -26.12 26.74 -71.34
N ASN D 282 -27.25 26.09 -71.02
CA ASN D 282 -27.35 25.28 -69.80
C ASN D 282 -26.68 23.95 -70.12
N LYS D 283 -25.34 23.98 -70.09
CA LYS D 283 -24.54 22.89 -70.62
C LYS D 283 -23.89 22.02 -69.55
N SER D 284 -23.57 22.58 -68.39
CA SER D 284 -22.97 21.77 -67.34
C SER D 284 -24.00 20.86 -66.69
N LEU D 285 -23.51 19.76 -66.12
CA LEU D 285 -24.37 18.91 -65.31
C LEU D 285 -25.03 19.73 -64.19
N GLY D 286 -24.29 20.70 -63.65
CA GLY D 286 -24.88 21.62 -62.69
C GLY D 286 -26.09 22.34 -63.23
N ASN D 287 -25.98 22.88 -64.45
CA ASN D 287 -27.11 23.60 -65.05
C ASN D 287 -28.29 22.66 -65.28
N LEU D 288 -28.01 21.41 -65.64
CA LEU D 288 -29.06 20.49 -66.05
C LEU D 288 -29.69 19.75 -64.87
N VAL D 289 -28.95 19.55 -63.79
CA VAL D 289 -29.41 18.79 -62.63
C VAL D 289 -29.14 19.65 -61.41
N ASN D 290 -30.16 20.34 -60.93
CA ASN D 290 -29.99 21.23 -59.79
C ASN D 290 -29.46 20.42 -58.60
N ASN D 291 -28.43 20.98 -57.95
CA ASN D 291 -27.82 20.41 -56.75
C ASN D 291 -26.99 19.17 -57.03
N SER D 292 -26.71 18.87 -58.29
CA SER D 292 -25.68 17.89 -58.61
C SER D 292 -24.30 18.45 -58.24
N VAL D 293 -23.37 17.55 -57.95
CA VAL D 293 -22.01 17.92 -57.59
C VAL D 293 -21.05 17.11 -58.43
N VAL D 294 -20.04 17.78 -58.99
CA VAL D 294 -18.94 17.13 -59.68
C VAL D 294 -17.68 17.34 -58.84
N TYR D 295 -16.92 16.26 -58.65
CA TYR D 295 -15.73 16.26 -57.81
C TYR D 295 -14.50 16.23 -58.70
N ASN D 296 -13.57 17.15 -58.46
CA ASN D 296 -12.37 17.30 -59.28
C ASN D 296 -12.73 17.86 -60.66
N LYS D 297 -13.62 18.86 -60.67
CA LYS D 297 -13.99 19.52 -61.93
C LYS D 297 -12.76 19.98 -62.68
N GLU D 298 -11.81 20.59 -61.98
CA GLU D 298 -10.60 21.14 -62.58
C GLU D 298 -9.58 20.07 -62.94
N MET D 299 -9.86 18.81 -62.64
CA MET D 299 -8.92 17.70 -62.81
C MET D 299 -7.51 18.11 -62.41
N ASN D 300 -7.40 18.74 -61.24
CA ASN D 300 -6.13 19.20 -60.68
C ASN D 300 -5.70 18.38 -59.47
N ALA D 301 -6.48 17.38 -59.06
CA ALA D 301 -6.05 16.50 -57.99
C ALA D 301 -4.84 15.69 -58.43
N LYS D 302 -3.96 15.40 -57.48
CA LYS D 302 -2.76 14.63 -57.79
C LYS D 302 -3.13 13.16 -58.02
N TYR D 303 -2.28 12.47 -58.78
CA TYR D 303 -2.31 11.02 -58.91
C TYR D 303 -3.40 10.52 -59.84
N PHE D 304 -4.64 10.94 -59.62
CA PHE D 304 -5.81 10.25 -60.14
C PHE D 304 -6.55 11.12 -61.13
N ASN D 305 -6.64 10.64 -62.38
CA ASN D 305 -7.23 11.37 -63.49
C ASN D 305 -8.73 11.11 -63.56
N VAL D 306 -9.42 11.47 -62.48
CA VAL D 306 -10.79 11.04 -62.25
C VAL D 306 -11.69 12.25 -62.07
N GLN D 307 -12.97 12.03 -62.36
CA GLN D 307 -14.04 12.91 -61.90
C GLN D 307 -15.16 12.04 -61.34
N TYR D 308 -15.81 12.51 -60.29
CA TYR D 308 -16.99 11.86 -59.72
C TYR D 308 -18.17 12.83 -59.81
N VAL D 309 -19.35 12.29 -60.05
CA VAL D 309 -20.58 13.06 -60.12
C VAL D 309 -21.57 12.48 -59.13
N HIS D 310 -22.35 13.34 -58.47
CA HIS D 310 -23.38 12.88 -57.54
C HIS D 310 -24.72 13.46 -57.96
N ILE D 311 -25.66 12.57 -58.27
CA ILE D 311 -27.04 12.96 -58.58
C ILE D 311 -27.81 13.04 -57.26
N PRO D 312 -28.44 14.17 -56.93
CA PRO D 312 -29.14 14.26 -55.65
C PRO D 312 -30.42 13.43 -55.62
N THR D 313 -30.83 13.06 -54.41
CA THR D 313 -32.10 12.37 -54.25
C THR D 313 -33.28 13.26 -54.62
N SER D 314 -33.10 14.59 -54.57
CA SER D 314 -34.17 15.50 -54.94
C SER D 314 -34.51 15.43 -56.42
N TYR D 315 -33.53 15.09 -57.26
CA TYR D 315 -33.73 15.15 -58.71
C TYR D 315 -34.40 13.87 -59.19
N LYS D 316 -35.66 13.99 -59.61
CA LYS D 316 -36.47 12.85 -60.03
C LYS D 316 -36.75 12.81 -61.52
N ASP D 317 -36.29 13.79 -62.29
CA ASP D 317 -36.59 13.81 -63.72
C ASP D 317 -35.67 12.86 -64.48
N THR D 318 -36.15 12.43 -65.65
CA THR D 318 -35.36 11.61 -66.56
C THR D 318 -34.61 12.52 -67.53
N LEU D 319 -33.34 12.18 -67.78
CA LEU D 319 -32.47 13.03 -68.57
C LEU D 319 -31.41 12.16 -69.23
N ASN D 320 -31.35 12.18 -70.56
CA ASN D 320 -30.30 11.50 -71.31
C ASN D 320 -29.32 12.54 -71.83
N LEU D 321 -28.04 12.36 -71.51
CA LEU D 321 -27.01 13.33 -71.82
C LEU D 321 -25.85 12.66 -72.56
N PHE D 322 -25.03 13.50 -73.19
CA PHE D 322 -23.88 13.06 -73.97
C PHE D 322 -22.72 14.01 -73.73
N CYS D 323 -21.51 13.44 -73.67
CA CYS D 323 -20.29 14.23 -73.73
C CYS D 323 -19.22 13.38 -74.44
N SER D 324 -18.06 13.97 -74.65
CA SER D 324 -17.04 13.37 -75.50
C SER D 324 -15.65 13.55 -74.90
N ILE D 325 -14.75 12.64 -75.26
CA ILE D 325 -13.36 12.67 -74.83
C ILE D 325 -12.48 12.59 -76.06
N ILE D 326 -11.57 13.56 -76.20
CA ILE D 326 -10.63 13.61 -77.32
C ILE D 326 -9.25 13.28 -76.80
N LEU D 327 -8.49 12.53 -77.58
CA LEU D 327 -7.16 12.09 -77.20
C LEU D 327 -6.11 12.85 -78.02
N LYS D 328 -4.94 13.01 -77.42
CA LYS D 328 -3.79 13.54 -78.15
C LYS D 328 -3.28 12.46 -79.11
N GLU D 329 -2.96 12.88 -80.33
CA GLU D 329 -2.35 11.97 -81.30
C GLU D 329 -0.84 12.01 -81.18
N GLU D 330 -0.36 11.92 -79.94
CA GLU D 330 1.08 12.08 -79.68
C GLU D 330 1.89 11.03 -80.40
N GLU D 331 1.55 9.76 -80.21
CA GLU D 331 2.08 8.65 -81.00
C GLU D 331 0.97 8.13 -81.91
N SER D 332 1.26 8.07 -83.21
CA SER D 332 0.25 7.64 -84.15
C SER D 332 0.06 6.14 -84.07
N ASN D 333 -1.21 5.71 -84.08
CA ASN D 333 -1.57 4.35 -84.45
C ASN D 333 -2.08 4.31 -85.88
N LEU D 334 -2.00 5.43 -86.60
CA LEU D 334 -2.59 5.71 -87.90
C LEU D 334 -4.09 5.94 -87.81
N ILE D 335 -4.69 5.76 -86.63
CA ILE D 335 -6.13 5.89 -86.43
C ILE D 335 -6.37 6.68 -85.16
N SER D 336 -7.28 7.65 -85.23
CA SER D 336 -7.55 8.52 -84.09
C SER D 336 -8.53 7.86 -83.14
N THR D 337 -8.35 8.11 -81.85
CA THR D 337 -9.24 7.60 -80.83
C THR D 337 -10.16 8.72 -80.35
N SER D 338 -11.43 8.38 -80.16
CA SER D 338 -12.40 9.25 -79.52
C SER D 338 -13.31 8.38 -78.68
N TYR D 339 -13.88 8.96 -77.64
CA TYR D 339 -14.81 8.23 -76.77
C TYR D 339 -16.06 9.07 -76.63
N LEU D 340 -17.20 8.44 -76.85
CA LEU D 340 -18.50 9.05 -76.61
C LEU D 340 -18.98 8.57 -75.24
N VAL D 341 -19.32 9.52 -74.37
CA VAL D 341 -19.78 9.21 -73.02
C VAL D 341 -21.27 9.53 -72.96
N TYR D 342 -22.07 8.50 -72.66
CA TYR D 342 -23.52 8.64 -72.53
C TYR D 342 -23.90 8.56 -71.06
N VAL D 343 -24.67 9.53 -70.59
CA VAL D 343 -25.10 9.62 -69.20
C VAL D 343 -26.62 9.65 -69.20
N SER D 344 -27.23 8.60 -68.68
CA SER D 344 -28.67 8.52 -68.51
C SER D 344 -29.01 8.63 -67.03
N ILE D 345 -29.95 9.52 -66.70
CA ILE D 345 -30.33 9.77 -65.32
C ILE D 345 -31.81 9.43 -65.20
N ASN D 346 -32.13 8.42 -64.39
CA ASN D 346 -33.51 8.04 -64.11
C ASN D 346 -34.22 7.49 -65.34
N GLU D 347 -33.50 6.67 -66.12
CA GLU D 347 -34.07 6.14 -67.35
C GLU D 347 -35.14 5.09 -67.06
N GLY D 348 -34.80 4.05 -66.33
CA GLY D 348 -35.74 2.99 -66.02
C GLY D 348 -36.06 2.87 -64.54
#